data_2VGN
#
_entry.id   2VGN
#
_cell.length_a   75.640
_cell.length_b   75.640
_cell.length_c   324.510
_cell.angle_alpha   90.00
_cell.angle_beta   90.00
_cell.angle_gamma   120.00
#
_symmetry.space_group_name_H-M   'P 31 2 1'
#
loop_
_entity.id
_entity.type
_entity.pdbx_description
1 polymer DOM34
2 non-polymer GLYCEROL
3 non-polymer 'PHOSPHATE ION'
4 water water
#
_entity_poly.entity_id   1
_entity_poly.type   'polypeptide(L)'
_entity_poly.pdbx_seq_one_letter_code
;(MSE)KVISLKKDSFNKGGAVITLLPEDKEDLFTVYQIVDKDDELIFKKKFTSKLDEAGKKKSTDLVKLKIKVISEDFD
(MSE)KDEYLKYKGVTVTDESGASNVDIPVGKYLSFTLDYVYPFTIIKQNFNKF(MSE)QKLLNEACNIEYKSDTAAVVL
QEGIAHVCLVTSSSTILKQKIEYS(MSE)PKKKRTTDVLKFDEKTEKFYKAIYSA(MSE)KKDLNFDKLKTIILCSPGFY
AKIL(MSE)DKIFQYAEEEHNKKILDNKG(MSE)FFIAHCSTGYLQGINEVLKNPLYASKLQDTKYSKEI(MSE)V
(MSE)DEFLLHLNKDDDKAWYGEKEVVKAAEYGAISYLLLTDKVLHSDNIAQREEYLKL(MSE)DSVESNGGKALVLSTL
HSLGEELDQLTGIACILKYPLPDLDEDDGEE
;
_entity_poly.pdbx_strand_id   A,B
#
# COMPACT_ATOMS: atom_id res chain seq x y z
N LYS A 2 3.38 26.99 -19.02
CA LYS A 2 3.46 28.44 -19.10
C LYS A 2 2.37 28.93 -20.06
N VAL A 3 1.47 29.79 -19.62
CA VAL A 3 0.54 30.43 -20.55
C VAL A 3 1.04 31.82 -20.99
N ILE A 4 1.32 31.98 -22.28
CA ILE A 4 1.86 33.24 -22.78
C ILE A 4 0.79 34.30 -22.92
N SER A 5 -0.39 33.93 -23.42
CA SER A 5 -1.54 34.82 -23.50
C SER A 5 -2.81 34.05 -23.69
N LEU A 6 -3.93 34.65 -23.33
CA LEU A 6 -5.18 33.99 -23.52
C LEU A 6 -6.29 35.01 -23.76
N LYS A 7 -6.82 35.04 -24.99
CA LYS A 7 -7.84 36.00 -25.41
C LYS A 7 -9.19 35.33 -25.62
N LYS A 8 -10.22 35.80 -24.92
CA LYS A 8 -11.56 35.27 -25.13
C LYS A 8 -12.41 36.18 -26.02
N ASP A 9 -13.65 35.80 -26.28
CA ASP A 9 -14.50 36.48 -27.27
C ASP A 9 -15.59 37.35 -26.65
N SER A 10 -16.27 38.10 -27.51
CA SER A 10 -17.44 38.86 -27.09
C SER A 10 -18.69 38.10 -27.53
N PHE A 11 -18.73 37.75 -28.82
CA PHE A 11 -19.89 37.12 -29.43
C PHE A 11 -19.94 35.61 -29.27
N ASN A 12 -18.81 35.00 -28.93
CA ASN A 12 -18.76 33.55 -28.83
C ASN A 12 -18.18 33.11 -27.51
N LYS A 13 -19.05 32.67 -26.62
CA LYS A 13 -18.66 32.37 -25.24
C LYS A 13 -17.61 31.25 -25.12
N GLY A 14 -17.56 30.35 -26.10
CA GLY A 14 -16.55 29.31 -26.06
C GLY A 14 -15.25 29.68 -26.77
N GLY A 15 -15.20 30.86 -27.37
CA GLY A 15 -14.07 31.29 -28.16
C GLY A 15 -12.88 31.75 -27.36
N ALA A 16 -11.70 31.30 -27.75
CA ALA A 16 -10.46 31.64 -27.07
C ALA A 16 -9.29 31.44 -28.01
N VAL A 17 -8.22 32.17 -27.76
CA VAL A 17 -6.96 32.01 -28.44
C VAL A 17 -5.92 31.90 -27.33
N ILE A 18 -5.33 30.72 -27.20
CA ILE A 18 -4.45 30.43 -26.08
C ILE A 18 -3.08 30.19 -26.62
N THR A 19 -2.11 30.92 -26.10
CA THR A 19 -0.73 30.62 -26.42
C THR A 19 -0.11 30.09 -25.14
N LEU A 20 0.56 28.94 -25.24
CA LEU A 20 1.07 28.27 -24.06
C LEU A 20 2.29 27.42 -24.38
N LEU A 21 2.99 27.00 -23.33
CA LEU A 21 4.18 26.17 -23.45
C LEU A 21 4.11 25.04 -22.42
N PRO A 22 3.95 23.78 -22.89
CA PRO A 22 3.90 22.65 -21.95
C PRO A 22 5.34 22.38 -21.54
N GLU A 23 5.54 22.04 -20.27
CA GLU A 23 6.87 21.97 -19.70
C GLU A 23 7.27 20.57 -19.22
N ASP A 24 6.28 19.72 -19.01
CA ASP A 24 6.56 18.36 -18.58
C ASP A 24 5.46 17.43 -19.09
N LYS A 25 5.57 16.14 -18.76
CA LYS A 25 4.61 15.19 -19.28
C LYS A 25 3.18 15.46 -18.78
N GLU A 26 3.04 16.01 -17.59
CA GLU A 26 1.69 16.28 -17.08
C GLU A 26 1.01 17.35 -17.93
N ASP A 27 1.80 18.33 -18.35
CA ASP A 27 1.34 19.36 -19.27
C ASP A 27 0.81 18.78 -20.56
N LEU A 28 1.41 17.69 -21.02
CA LEU A 28 0.89 17.03 -22.20
C LEU A 28 -0.53 16.52 -21.99
N PHE A 29 -0.83 16.09 -20.77
CA PHE A 29 -2.17 15.56 -20.48
C PHE A 29 -3.18 16.70 -20.33
N THR A 30 -2.74 17.82 -19.78
CA THR A 30 -3.55 19.00 -19.73
C THR A 30 -3.94 19.39 -21.16
N VAL A 31 -2.93 19.61 -21.99
CA VAL A 31 -3.19 19.98 -23.37
C VAL A 31 -4.19 19.03 -23.98
N TYR A 32 -3.99 17.74 -23.74
CA TYR A 32 -4.81 16.71 -24.34
C TYR A 32 -6.29 16.88 -23.98
N GLN A 33 -6.53 17.49 -22.82
CA GLN A 33 -7.88 17.63 -22.34
C GLN A 33 -8.48 18.92 -22.87
N ILE A 34 -7.69 19.67 -23.61
CA ILE A 34 -8.17 20.94 -24.15
C ILE A 34 -8.42 20.91 -25.66
N VAL A 35 -7.41 20.53 -26.44
CA VAL A 35 -7.56 20.58 -27.89
C VAL A 35 -8.62 19.60 -28.42
N ASP A 36 -9.55 20.15 -29.19
CA ASP A 36 -10.66 19.40 -29.76
C ASP A 36 -10.47 19.24 -31.26
N LYS A 37 -11.22 18.31 -31.85
CA LYS A 37 -11.30 18.19 -33.31
C LYS A 37 -11.83 19.53 -33.82
N ASP A 38 -11.22 20.06 -34.88
CA ASP A 38 -11.65 21.34 -35.49
C ASP A 38 -11.15 22.66 -34.88
N ASP A 39 -10.52 22.59 -33.70
CA ASP A 39 -9.71 23.69 -33.23
C ASP A 39 -8.56 23.84 -34.22
N GLU A 40 -7.89 24.99 -34.19
CA GLU A 40 -6.71 25.15 -35.01
C GLU A 40 -5.49 25.33 -34.11
N LEU A 41 -4.33 24.88 -34.57
CA LEU A 41 -3.09 25.07 -33.83
C LEU A 41 -2.11 25.85 -34.70
N ILE A 42 -1.44 26.84 -34.10
CA ILE A 42 -0.37 27.48 -34.80
C ILE A 42 0.91 27.10 -34.08
N PHE A 43 1.87 26.56 -34.80
CA PHE A 43 3.04 25.97 -34.15
C PHE A 43 4.29 26.14 -35.02
N LYS A 44 5.44 25.88 -34.43
CA LYS A 44 6.68 25.92 -35.18
C LYS A 44 7.12 24.51 -35.52
N LYS A 45 7.48 24.31 -36.78
CA LYS A 45 8.04 23.04 -37.18
C LYS A 45 9.24 23.29 -38.07
N LYS A 46 10.23 22.40 -37.97
CA LYS A 46 11.47 22.53 -38.73
C LYS A 46 11.46 21.61 -39.95
N PHE A 47 10.32 21.53 -40.63
CA PHE A 47 10.18 20.62 -41.77
C PHE A 47 8.78 20.77 -42.40
N ASP A 61 15.31 25.25 -40.86
CA ASP A 61 14.68 26.48 -40.37
C ASP A 61 13.23 26.24 -39.90
N LEU A 62 12.93 26.66 -38.67
CA LEU A 62 11.59 26.56 -38.10
C LEU A 62 10.63 27.57 -38.73
N VAL A 63 9.60 27.09 -39.43
CA VAL A 63 8.54 27.99 -39.90
C VAL A 63 7.24 27.85 -39.11
N LYS A 64 6.51 28.95 -38.99
CA LYS A 64 5.16 28.94 -38.41
C LYS A 64 4.21 28.23 -39.36
N LEU A 65 3.54 27.19 -38.86
CA LEU A 65 2.54 26.47 -39.61
C LEU A 65 1.26 26.55 -38.81
N LYS A 66 0.16 26.20 -39.45
CA LYS A 66 -1.14 26.26 -38.81
C LYS A 66 -2.04 25.16 -39.36
N ILE A 67 -2.63 24.35 -38.49
CA ILE A 67 -3.52 23.29 -38.94
C ILE A 67 -4.88 23.33 -38.28
N LYS A 68 -5.87 22.72 -38.93
CA LYS A 68 -7.12 22.40 -38.28
C LYS A 68 -7.01 20.95 -37.81
N VAL A 69 -7.18 20.75 -36.50
CA VAL A 69 -7.04 19.43 -35.89
C VAL A 69 -8.06 18.43 -36.40
N ILE A 70 -7.57 17.31 -36.91
CA ILE A 70 -8.43 16.24 -37.35
C ILE A 70 -8.41 15.03 -36.40
N SER A 71 -7.24 14.68 -35.88
CA SER A 71 -7.15 13.58 -34.91
C SER A 71 -5.90 13.77 -34.06
N GLU A 72 -5.73 12.95 -33.04
CA GLU A 72 -4.48 12.99 -32.28
C GLU A 72 -3.91 11.62 -31.86
N ASP A 73 -2.62 11.64 -31.54
CA ASP A 73 -1.90 10.47 -31.07
C ASP A 73 -1.35 10.85 -29.70
N PHE A 74 -1.88 10.21 -28.65
CA PHE A 74 -1.47 10.50 -27.29
C PHE A 74 -0.98 9.26 -26.55
N ASP A 75 0.14 9.40 -25.87
CA ASP A 75 0.70 8.29 -25.12
C ASP A 75 1.46 8.83 -23.95
N LYS A 77 2.73 7.28 -21.33
CA LYS A 77 3.96 6.53 -21.11
C LYS A 77 5.11 7.18 -21.85
N ASP A 78 4.87 7.50 -23.11
CA ASP A 78 5.96 7.92 -23.98
C ASP A 78 6.25 9.41 -24.00
N GLU A 79 5.60 10.19 -23.12
CA GLU A 79 5.62 11.67 -23.20
C GLU A 79 5.34 12.16 -24.63
N TYR A 80 4.29 11.59 -25.21
CA TYR A 80 4.00 11.74 -26.62
C TYR A 80 2.60 12.28 -26.88
N LEU A 81 2.54 13.44 -27.54
CA LEU A 81 1.24 13.97 -28.00
C LEU A 81 1.43 14.58 -29.38
N LYS A 82 0.84 13.92 -30.37
CA LYS A 82 0.93 14.43 -31.72
C LYS A 82 -0.47 14.76 -32.24
N TYR A 83 -0.63 15.99 -32.75
CA TYR A 83 -1.86 16.41 -33.41
C TYR A 83 -1.74 16.34 -34.93
N LYS A 84 -2.70 15.67 -35.57
CA LYS A 84 -2.73 15.59 -37.03
C LYS A 84 -3.92 16.35 -37.62
N GLY A 85 -3.66 17.16 -38.64
CA GLY A 85 -4.71 17.86 -39.34
C GLY A 85 -4.30 18.27 -40.74
N VAL A 86 -5.04 19.23 -41.29
CA VAL A 86 -4.71 19.80 -42.58
C VAL A 86 -4.41 21.29 -42.44
N THR A 87 -3.47 21.77 -43.23
CA THR A 87 -3.24 23.20 -43.33
C THR A 87 -4.52 23.95 -43.75
N VAL A 88 -4.68 25.14 -43.19
CA VAL A 88 -5.76 26.01 -43.55
C VAL A 88 -5.13 27.28 -44.13
N THR A 89 -5.92 28.04 -44.87
CA THR A 89 -5.41 29.28 -45.44
C THR A 89 -5.17 30.38 -44.41
N ASP A 90 -4.07 31.08 -44.54
CA ASP A 90 -3.83 32.24 -43.70
C ASP A 90 -3.48 33.47 -44.56
N GLU A 91 -4.50 34.22 -44.94
CA GLU A 91 -4.28 35.43 -45.73
C GLU A 91 -3.51 36.52 -44.98
N SER A 92 -3.32 36.32 -43.68
CA SER A 92 -2.52 37.14 -42.79
C SER A 92 -1.06 37.16 -43.20
N GLY A 93 -0.58 36.03 -43.72
CA GLY A 93 0.83 35.81 -43.93
C GLY A 93 1.58 35.53 -42.63
N ALA A 94 0.85 35.39 -41.53
CA ALA A 94 1.48 35.13 -40.24
C ALA A 94 1.92 33.66 -40.09
N SER A 95 1.36 32.77 -40.91
CA SER A 95 1.77 31.36 -40.89
C SER A 95 1.44 30.67 -42.21
N ASN A 96 1.85 29.42 -42.36
CA ASN A 96 1.57 28.71 -43.60
C ASN A 96 1.92 29.52 -44.83
N VAL A 97 3.03 30.25 -44.78
CA VAL A 97 3.46 31.04 -45.92
C VAL A 97 3.92 30.12 -47.05
N ASP A 98 3.39 30.36 -48.25
CA ASP A 98 3.68 29.54 -49.42
C ASP A 98 3.46 28.06 -49.17
N ILE A 99 2.63 27.71 -48.21
CA ILE A 99 2.28 26.30 -48.10
C ILE A 99 0.79 26.17 -48.44
N PRO A 100 0.46 25.21 -49.30
CA PRO A 100 -0.89 25.06 -49.88
C PRO A 100 -1.96 24.63 -48.87
N VAL A 101 -3.16 25.21 -48.95
CA VAL A 101 -4.29 24.77 -48.15
C VAL A 101 -4.54 23.28 -48.40
N GLY A 102 -5.00 22.59 -47.36
CA GLY A 102 -5.43 21.21 -47.52
C GLY A 102 -4.34 20.16 -47.28
N LYS A 103 -3.13 20.58 -47.00
CA LYS A 103 -1.99 19.67 -46.85
C LYS A 103 -2.01 18.94 -45.49
N TYR A 104 -1.67 17.64 -45.49
CA TYR A 104 -1.60 16.89 -44.24
C TYR A 104 -0.37 17.33 -43.47
N LEU A 105 -0.53 17.51 -42.17
CA LEU A 105 0.55 18.03 -41.35
C LEU A 105 0.32 17.62 -39.90
N SER A 106 1.39 17.23 -39.24
CA SER A 106 1.31 16.88 -37.82
C SER A 106 2.19 17.76 -36.94
N PHE A 107 1.82 17.85 -35.68
CA PHE A 107 2.53 18.65 -34.71
C PHE A 107 2.75 17.81 -33.45
N THR A 108 4.02 17.50 -33.22
CA THR A 108 4.40 16.77 -32.04
C THR A 108 4.87 17.79 -31.03
N LEU A 109 4.21 17.80 -29.89
CA LEU A 109 4.51 18.79 -28.86
C LEU A 109 5.94 18.68 -28.36
N ASP A 110 6.49 19.82 -27.97
CA ASP A 110 7.78 19.87 -27.32
C ASP A 110 7.72 20.80 -26.12
N TYR A 111 8.78 20.83 -25.33
CA TYR A 111 8.82 21.64 -24.13
C TYR A 111 9.61 22.91 -24.37
N VAL A 112 9.85 23.23 -25.64
CA VAL A 112 10.76 24.32 -25.97
C VAL A 112 10.08 25.55 -26.54
N TYR A 113 9.15 25.36 -27.49
CA TYR A 113 8.45 26.50 -28.13
C TYR A 113 6.96 26.49 -27.87
N PRO A 114 6.41 27.64 -27.45
CA PRO A 114 4.97 27.79 -27.26
C PRO A 114 4.25 27.61 -28.58
N PHE A 115 2.98 27.25 -28.49
CA PHE A 115 2.15 27.19 -29.68
C PHE A 115 0.81 27.78 -29.31
N THR A 116 -0.08 27.88 -30.28
CA THR A 116 -1.33 28.58 -30.06
C THR A 116 -2.50 27.69 -30.42
N ILE A 117 -3.48 27.65 -29.53
CA ILE A 117 -4.68 26.94 -29.80
C ILE A 117 -5.79 27.94 -30.08
N ILE A 118 -6.57 27.68 -31.13
CA ILE A 118 -7.68 28.55 -31.45
C ILE A 118 -8.96 27.75 -31.29
N LYS A 119 -9.74 28.03 -30.24
CA LYS A 119 -10.93 27.21 -29.98
C LYS A 119 -12.24 27.97 -29.90
N GLN A 120 -13.32 27.27 -30.29
CA GLN A 120 -14.69 27.74 -30.18
C GLN A 120 -15.40 27.26 -28.91
N ASN A 121 -14.94 26.16 -28.31
CA ASN A 121 -15.62 25.55 -27.17
C ASN A 121 -14.73 25.38 -25.96
N PHE A 122 -13.95 26.41 -25.65
CA PHE A 122 -13.18 26.47 -24.41
C PHE A 122 -14.18 26.67 -23.28
N ASN A 123 -14.12 25.84 -22.25
CA ASN A 123 -15.06 25.90 -21.15
C ASN A 123 -14.37 26.18 -19.81
N LYS A 124 -15.17 26.38 -18.76
CA LYS A 124 -14.63 26.84 -17.47
C LYS A 124 -13.79 25.75 -16.84
N PHE A 125 -14.17 24.50 -17.07
CA PHE A 125 -13.37 23.35 -16.64
C PHE A 125 -11.98 23.28 -17.28
N GLN A 127 -10.31 25.71 -18.45
CA GLN A 127 -9.51 26.84 -18.00
C GLN A 127 -8.90 26.58 -16.63
N LYS A 128 -9.68 25.96 -15.76
CA LYS A 128 -9.19 25.55 -14.45
C LYS A 128 -7.96 24.66 -14.64
N LEU A 129 -8.11 23.59 -15.41
CA LEU A 129 -7.01 22.69 -15.67
C LEU A 129 -5.83 23.49 -16.15
N LEU A 130 -6.07 24.33 -17.15
CA LEU A 130 -4.98 25.06 -17.79
C LEU A 130 -4.28 25.92 -16.74
N ASN A 131 -5.06 26.56 -15.89
CA ASN A 131 -4.49 27.36 -14.83
C ASN A 131 -3.72 26.57 -13.76
N GLU A 132 -4.35 25.53 -13.21
CA GLU A 132 -3.71 24.69 -12.23
C GLU A 132 -2.36 24.20 -12.75
N ALA A 133 -2.23 24.03 -14.07
CA ALA A 133 -0.99 23.54 -14.62
C ALA A 133 0.09 24.61 -14.64
N CYS A 134 -0.29 25.88 -14.52
CA CYS A 134 0.71 26.95 -14.39
C CYS A 134 1.21 27.20 -12.96
N ASN A 135 0.42 26.78 -11.96
CA ASN A 135 0.80 26.98 -10.58
C ASN A 135 1.99 26.10 -10.22
N ILE A 136 3.16 26.72 -10.08
CA ILE A 136 4.40 25.96 -10.13
C ILE A 136 4.71 25.11 -8.88
N GLU A 137 4.12 25.44 -7.74
CA GLU A 137 4.47 24.74 -6.51
C GLU A 137 3.35 23.76 -6.08
N TYR A 138 2.21 23.85 -6.75
CA TYR A 138 1.06 23.01 -6.42
C TYR A 138 0.65 22.12 -7.59
N LYS A 139 1.31 22.31 -8.72
CA LYS A 139 1.08 21.48 -9.89
C LYS A 139 0.86 20.01 -9.48
N SER A 140 1.72 19.47 -8.62
CA SER A 140 1.58 18.05 -8.29
C SER A 140 0.95 17.72 -6.93
N ASP A 141 0.43 18.75 -6.25
CA ASP A 141 -0.40 18.60 -5.05
C ASP A 141 0.28 17.91 -3.86
N THR A 142 1.59 18.06 -3.80
CA THR A 142 2.43 17.29 -2.89
C THR A 142 3.29 18.19 -1.99
N ALA A 143 3.16 18.00 -0.68
CA ALA A 143 4.08 18.59 0.28
C ALA A 143 4.91 17.47 0.92
N ALA A 144 5.97 17.84 1.64
CA ALA A 144 6.77 16.90 2.43
C ALA A 144 7.37 17.63 3.62
N VAL A 145 7.52 16.92 4.74
CA VAL A 145 8.35 17.40 5.84
C VAL A 145 9.48 16.40 6.05
N VAL A 146 10.72 16.83 5.87
CA VAL A 146 11.87 15.95 6.11
C VAL A 146 12.49 16.31 7.45
N LEU A 147 12.57 15.33 8.35
CA LEU A 147 13.02 15.54 9.74
C LEU A 147 14.30 14.82 10.04
N GLN A 148 15.04 15.38 10.98
CA GLN A 148 16.13 14.69 11.66
C GLN A 148 15.99 15.29 13.04
N GLU A 149 16.84 14.91 13.99
CA GLU A 149 16.66 15.57 15.29
C GLU A 149 17.19 16.99 15.31
N GLY A 150 16.36 17.88 15.86
CA GLY A 150 16.68 19.29 15.93
C GLY A 150 16.56 20.07 14.62
N ILE A 151 16.07 19.41 13.56
CA ILE A 151 15.95 20.07 12.24
C ILE A 151 14.91 19.42 11.31
N ALA A 152 13.95 20.22 10.87
CA ALA A 152 12.88 19.77 10.00
C ALA A 152 12.60 20.83 8.93
N HIS A 153 12.47 20.38 7.68
CA HIS A 153 12.20 21.29 6.57
C HIS A 153 10.81 21.07 6.03
N VAL A 154 9.95 22.08 6.10
CA VAL A 154 8.64 22.00 5.46
C VAL A 154 8.77 22.34 3.98
N CYS A 155 8.19 21.52 3.11
CA CYS A 155 8.47 21.60 1.67
C CYS A 155 7.23 21.44 0.78
N LEU A 156 7.33 21.98 -0.45
CA LEU A 156 6.42 21.61 -1.53
C LEU A 156 7.24 20.87 -2.58
N VAL A 157 6.69 19.82 -3.17
CA VAL A 157 7.47 19.03 -4.12
C VAL A 157 6.98 19.25 -5.54
N THR A 158 7.90 19.60 -6.45
CA THR A 158 7.55 19.68 -7.87
C THR A 158 7.94 18.35 -8.49
N SER A 159 7.96 18.28 -9.82
CA SER A 159 8.28 17.01 -10.46
C SER A 159 9.75 17.00 -10.84
N SER A 160 10.44 18.11 -10.57
CA SER A 160 11.86 18.23 -10.86
C SER A 160 12.68 18.70 -9.65
N SER A 161 12.08 19.57 -8.83
CA SER A 161 12.75 20.17 -7.68
C SER A 161 12.01 19.86 -6.38
N THR A 162 12.48 20.44 -5.28
CA THR A 162 11.65 20.58 -4.10
C THR A 162 11.89 21.96 -3.51
N ILE A 163 10.87 22.53 -2.89
CA ILE A 163 10.88 23.92 -2.49
C ILE A 163 10.87 24.07 -0.98
N LEU A 164 12.03 24.36 -0.37
CA LEU A 164 12.05 24.70 1.04
C LEU A 164 11.11 25.87 1.38
N LYS A 165 10.05 25.58 2.14
CA LYS A 165 9.04 26.58 2.48
C LYS A 165 9.11 27.07 3.94
N GLN A 166 10.00 26.46 4.72
CA GLN A 166 10.25 26.90 6.09
C GLN A 166 11.13 25.90 6.81
N LYS A 167 12.08 26.41 7.58
CA LYS A 167 13.03 25.57 8.31
C LYS A 167 12.72 25.71 9.78
N ILE A 168 12.74 24.58 10.49
CA ILE A 168 12.55 24.59 11.94
C ILE A 168 13.66 23.79 12.62
N GLU A 169 14.23 24.37 13.68
CA GLU A 169 15.25 23.69 14.47
C GLU A 169 15.16 24.00 15.96
N TYR A 170 16.11 23.46 16.73
CA TYR A 170 16.09 23.63 18.18
C TYR A 170 17.41 23.20 18.82
N ASP A 180 15.31 7.81 24.34
CA ASP A 180 15.44 9.25 24.54
C ASP A 180 14.59 10.02 23.52
N VAL A 181 14.58 9.48 22.30
CA VAL A 181 13.88 10.11 21.19
C VAL A 181 12.38 9.98 21.40
N LEU A 182 11.97 8.82 21.91
CA LEU A 182 10.57 8.57 22.21
C LEU A 182 10.15 9.31 23.50
N LYS A 183 11.14 9.67 24.32
CA LYS A 183 10.87 10.36 25.60
C LYS A 183 10.32 11.80 25.43
N PHE A 184 9.46 12.19 26.35
CA PHE A 184 8.94 13.55 26.35
C PHE A 184 9.98 14.56 26.80
N ASP A 185 10.02 15.69 26.11
CA ASP A 185 10.96 16.77 26.38
C ASP A 185 10.22 18.08 26.13
N GLU A 186 10.63 19.14 26.82
CA GLU A 186 10.01 20.45 26.62
C GLU A 186 10.47 21.06 25.29
N LYS A 187 11.71 20.75 24.94
CA LYS A 187 12.34 21.24 23.73
C LYS A 187 11.68 20.64 22.50
N THR A 188 11.69 19.31 22.44
CA THR A 188 11.11 18.59 21.33
C THR A 188 9.60 18.79 21.25
N GLU A 189 8.96 19.14 22.35
CA GLU A 189 7.53 19.38 22.22
C GLU A 189 7.28 20.69 21.49
N LYS A 190 8.16 21.66 21.70
CA LYS A 190 8.04 22.96 21.05
C LYS A 190 8.45 22.83 19.59
N PHE A 191 9.36 21.89 19.32
CA PHE A 191 9.72 21.49 17.97
C PHE A 191 8.44 21.11 17.25
N TYR A 192 8.01 19.87 17.41
CA TYR A 192 6.81 19.38 16.74
C TYR A 192 5.66 20.39 16.67
N LYS A 193 5.38 21.09 17.78
CA LYS A 193 4.29 22.06 17.79
C LYS A 193 4.58 23.19 16.82
N ALA A 194 5.87 23.43 16.60
CA ALA A 194 6.29 24.46 15.68
C ALA A 194 6.14 23.94 14.27
N ILE A 195 6.69 22.76 14.01
CA ILE A 195 6.62 22.15 12.69
C ILE A 195 5.17 22.08 12.22
N TYR A 196 4.26 21.80 13.14
CA TYR A 196 2.85 21.66 12.81
C TYR A 196 2.18 22.99 12.51
N SER A 197 2.63 24.06 13.14
CA SER A 197 2.03 25.37 12.88
C SER A 197 2.63 25.95 11.59
N ALA A 198 3.92 25.69 11.37
CA ALA A 198 4.57 26.02 10.12
C ALA A 198 4.00 25.22 8.94
N LYS A 200 0.27 24.39 8.77
CA LYS A 200 -1.02 24.96 8.45
C LYS A 200 -0.81 26.38 7.93
N LYS A 201 0.35 26.96 8.22
CA LYS A 201 0.65 28.28 7.72
C LYS A 201 1.16 28.28 6.28
N ASP A 202 2.08 27.36 5.96
CA ASP A 202 2.72 27.33 4.67
C ASP A 202 2.08 26.37 3.63
N LEU A 203 1.06 25.62 4.04
CA LEU A 203 0.50 24.59 3.16
C LEU A 203 -1.00 24.68 3.03
N ASN A 204 -1.45 24.79 1.79
CA ASN A 204 -2.85 24.90 1.44
C ASN A 204 -3.41 23.49 1.45
N PHE A 205 -3.83 23.05 2.63
CA PHE A 205 -4.32 21.68 2.76
C PHE A 205 -5.48 21.40 1.81
N ASP A 206 -6.10 22.45 1.29
CA ASP A 206 -7.22 22.27 0.37
C ASP A 206 -6.75 21.97 -1.05
N LYS A 207 -5.44 22.08 -1.31
CA LYS A 207 -4.91 21.83 -2.65
C LYS A 207 -4.09 20.55 -2.72
N LEU A 208 -3.60 20.11 -1.57
CA LEU A 208 -2.65 18.99 -1.50
C LEU A 208 -3.35 17.65 -1.43
N LYS A 209 -2.73 16.62 -2.00
CA LYS A 209 -3.35 15.29 -2.00
C LYS A 209 -2.38 14.31 -1.37
N THR A 210 -1.12 14.68 -1.33
CA THR A 210 -0.09 13.90 -0.68
C THR A 210 0.66 14.79 0.29
N ILE A 211 1.03 14.24 1.43
CA ILE A 211 1.98 14.91 2.31
C ILE A 211 2.88 13.84 2.84
N ILE A 212 4.10 13.79 2.31
CA ILE A 212 5.12 12.87 2.81
C ILE A 212 5.77 13.40 4.07
N LEU A 213 5.71 12.61 5.14
CA LEU A 213 6.50 12.87 6.35
C LEU A 213 7.61 11.85 6.31
N CYS A 214 8.86 12.28 6.18
CA CYS A 214 9.95 11.29 6.14
C CYS A 214 11.19 11.64 6.94
N SER A 215 11.86 10.62 7.45
CA SER A 215 12.99 10.81 8.35
C SER A 215 13.87 9.57 8.42
N PRO A 216 15.01 9.69 9.09
CA PRO A 216 15.67 8.50 9.65
C PRO A 216 14.99 8.24 10.97
N GLY A 217 15.07 7.00 11.46
CA GLY A 217 14.50 6.70 12.76
C GLY A 217 13.04 7.05 12.91
N PHE A 218 12.69 7.54 14.09
CA PHE A 218 11.30 7.59 14.50
C PHE A 218 10.62 8.93 14.23
N TYR A 219 11.42 9.93 13.82
CA TYR A 219 10.94 11.32 13.80
C TYR A 219 9.69 11.55 12.96
N ALA A 220 9.68 11.00 11.74
CA ALA A 220 8.53 11.08 10.85
C ALA A 220 7.28 10.53 11.54
N LYS A 221 7.41 9.35 12.17
CA LYS A 221 6.30 8.73 12.88
C LYS A 221 5.85 9.54 14.10
N ILE A 222 6.79 10.09 14.84
CA ILE A 222 6.43 10.94 15.98
C ILE A 222 5.73 12.22 15.50
N LEU A 223 6.24 12.78 14.40
CA LEU A 223 5.67 13.98 13.82
C LEU A 223 4.23 13.69 13.40
N ASP A 225 2.18 11.47 14.65
CA ASP A 225 1.33 11.33 15.83
C ASP A 225 1.02 12.67 16.41
N LYS A 226 2.04 13.52 16.55
CA LYS A 226 1.89 14.89 17.04
C LYS A 226 0.90 15.73 16.23
N ILE A 227 1.09 15.81 14.90
CA ILE A 227 0.20 16.53 14.02
C ILE A 227 -1.24 16.13 14.28
N PHE A 228 -1.44 14.85 14.59
CA PHE A 228 -2.77 14.34 14.81
C PHE A 228 -3.33 14.65 16.19
N GLN A 229 -2.48 14.62 17.22
CA GLN A 229 -2.88 15.16 18.52
C GLN A 229 -3.38 16.57 18.30
N TYR A 230 -2.51 17.39 17.70
CA TYR A 230 -2.75 18.81 17.57
C TYR A 230 -4.04 19.08 16.80
N ALA A 231 -4.24 18.33 15.71
CA ALA A 231 -5.47 18.46 14.94
C ALA A 231 -6.73 18.13 15.75
N GLU A 232 -6.70 17.07 16.55
CA GLU A 232 -7.83 16.71 17.41
C GLU A 232 -8.11 17.78 18.45
N GLU A 233 -7.04 18.33 19.03
CA GLU A 233 -7.12 19.46 19.97
C GLU A 233 -7.80 20.70 19.37
N GLU A 234 -7.23 21.24 18.27
CA GLU A 234 -7.79 22.42 17.61
C GLU A 234 -9.07 22.11 16.85
N HIS A 235 -9.51 20.85 16.91
CA HIS A 235 -10.62 20.38 16.07
C HIS A 235 -10.40 20.70 14.59
N ASN A 236 -9.14 20.89 14.19
CA ASN A 236 -8.79 21.19 12.80
C ASN A 236 -9.22 20.10 11.85
N LYS A 237 -10.33 20.34 11.15
CA LYS A 237 -10.96 19.29 10.36
C LYS A 237 -10.41 19.13 8.95
N LYS A 238 -9.64 20.10 8.45
CA LYS A 238 -9.04 19.93 7.12
C LYS A 238 -7.96 18.85 7.10
N ILE A 239 -7.32 18.65 8.26
CA ILE A 239 -6.39 17.54 8.44
C ILE A 239 -7.13 16.28 8.83
N LEU A 240 -7.84 16.35 9.96
CA LEU A 240 -8.50 15.17 10.50
C LEU A 240 -9.34 14.41 9.47
N ASP A 241 -10.08 15.14 8.65
CA ASP A 241 -10.94 14.52 7.64
C ASP A 241 -10.12 14.00 6.46
N ASN A 242 -8.80 14.09 6.55
CA ASN A 242 -7.96 13.70 5.43
C ASN A 242 -6.66 12.98 5.78
N LYS A 243 -6.71 12.07 6.74
CA LYS A 243 -5.53 11.30 7.07
C LYS A 243 -5.00 10.57 5.83
N GLY A 244 -5.90 10.33 4.87
CA GLY A 244 -5.52 9.62 3.66
C GLY A 244 -4.35 10.22 2.89
N PHE A 246 -1.67 11.57 4.10
CA PHE A 246 -0.38 11.45 4.78
C PHE A 246 0.25 10.13 4.51
N PHE A 247 1.57 10.18 4.34
CA PHE A 247 2.37 8.99 4.10
C PHE A 247 3.73 9.12 4.80
N ILE A 248 4.01 8.24 5.74
CA ILE A 248 5.26 8.25 6.47
C ILE A 248 6.26 7.37 5.76
N ALA A 249 7.50 7.83 5.64
CA ALA A 249 8.51 7.04 4.95
C ALA A 249 9.85 7.17 5.64
N HIS A 250 10.77 6.27 5.31
CA HIS A 250 12.14 6.36 5.80
C HIS A 250 13.06 6.93 4.74
N CYS A 251 14.00 7.75 5.18
CA CYS A 251 15.12 8.18 4.34
C CYS A 251 16.34 8.40 5.25
N SER A 252 17.53 8.38 4.66
CA SER A 252 18.79 8.44 5.41
C SER A 252 19.00 9.70 6.27
N THR A 253 18.58 10.86 5.77
CA THR A 253 18.84 12.10 6.51
C THR A 253 17.66 13.05 6.51
N GLY A 254 17.68 14.00 7.44
CA GLY A 254 16.61 14.98 7.58
C GLY A 254 16.72 16.18 6.67
N TYR A 255 17.66 16.13 5.73
CA TYR A 255 17.82 17.21 4.76
C TYR A 255 17.18 16.87 3.41
N LEU A 256 16.92 17.91 2.61
CA LEU A 256 16.15 17.82 1.38
C LEU A 256 16.37 16.57 0.50
N GLN A 257 17.60 16.05 0.45
CA GLN A 257 17.89 14.86 -0.37
C GLN A 257 17.03 13.67 0.00
N GLY A 258 16.69 13.59 1.29
CA GLY A 258 15.79 12.58 1.82
C GLY A 258 14.52 12.43 1.02
N ILE A 259 13.79 13.52 0.83
CA ILE A 259 12.59 13.53 -0.01
C ILE A 259 12.79 12.83 -1.36
N ASN A 260 13.90 13.11 -2.03
CA ASN A 260 14.19 12.46 -3.31
C ASN A 260 14.44 10.95 -3.19
N GLU A 261 14.96 10.53 -2.05
CA GLU A 261 15.13 9.11 -1.77
C GLU A 261 13.76 8.46 -1.74
N VAL A 262 12.84 9.11 -1.05
CA VAL A 262 11.49 8.61 -0.92
C VAL A 262 10.87 8.55 -2.31
N LEU A 263 10.94 9.65 -3.04
CA LEU A 263 10.33 9.73 -4.37
C LEU A 263 10.88 8.67 -5.33
N LYS A 264 12.18 8.42 -5.25
CA LYS A 264 12.81 7.47 -6.16
C LYS A 264 12.71 6.03 -5.67
N ASN A 265 12.18 5.84 -4.46
CA ASN A 265 12.18 4.51 -3.87
C ASN A 265 10.95 3.69 -4.21
N PRO A 266 11.16 2.59 -4.94
CA PRO A 266 10.12 1.70 -5.46
C PRO A 266 9.23 1.08 -4.38
N LEU A 267 9.70 0.98 -3.15
CA LEU A 267 8.86 0.40 -2.10
C LEU A 267 7.78 1.39 -1.65
N TYR A 268 7.85 2.62 -2.16
CA TYR A 268 6.88 3.66 -1.80
C TYR A 268 6.04 4.12 -3.00
N ALA A 269 6.14 3.40 -4.10
CA ALA A 269 5.49 3.83 -5.33
C ALA A 269 3.98 3.75 -5.24
N SER A 270 3.49 2.56 -4.92
CA SER A 270 2.06 2.30 -4.83
C SER A 270 1.45 3.15 -3.72
N LYS A 271 2.22 3.34 -2.64
CA LYS A 271 1.69 4.07 -1.50
C LYS A 271 1.65 5.56 -1.81
N LEU A 272 2.63 6.02 -2.58
CA LEU A 272 2.64 7.40 -3.06
C LEU A 272 1.39 7.70 -3.90
N GLN A 273 1.01 6.74 -4.74
CA GLN A 273 -0.19 6.90 -5.54
C GLN A 273 -1.46 6.79 -4.73
N ASP A 274 -1.50 5.86 -3.78
CA ASP A 274 -2.71 5.67 -3.00
C ASP A 274 -3.05 6.89 -2.17
N THR A 275 -2.06 7.70 -1.83
CA THR A 275 -2.39 8.91 -1.05
C THR A 275 -2.98 9.92 -2.00
N LYS A 276 -2.35 10.07 -3.17
CA LYS A 276 -2.82 11.04 -4.15
C LYS A 276 -4.25 10.79 -4.60
N TYR A 277 -4.65 9.53 -4.63
CA TYR A 277 -6.02 9.20 -5.05
C TYR A 277 -6.81 8.67 -3.88
N SER A 278 -6.43 9.12 -2.69
CA SER A 278 -7.06 8.64 -1.47
C SER A 278 -8.57 8.90 -1.43
N LYS A 279 -8.99 10.11 -1.79
CA LYS A 279 -10.42 10.41 -1.83
C LYS A 279 -11.14 9.67 -2.94
N GLU A 280 -10.45 9.46 -4.05
CA GLU A 280 -11.04 8.72 -5.16
C GLU A 280 -11.19 7.25 -4.83
N ILE A 281 -10.26 6.72 -4.04
CA ILE A 281 -10.35 5.32 -3.65
C ILE A 281 -11.56 5.11 -2.73
N VAL A 283 -14.38 7.03 -2.55
CA VAL A 283 -15.64 7.26 -3.23
C VAL A 283 -15.97 6.06 -4.10
N ASP A 285 -14.85 2.97 -3.73
CA ASP A 285 -15.22 1.89 -2.82
C ASP A 285 -16.69 2.03 -2.41
N GLU A 286 -17.06 3.22 -1.96
CA GLU A 286 -18.42 3.50 -1.51
C GLU A 286 -19.43 3.28 -2.65
N PHE A 287 -19.10 3.78 -3.84
CA PHE A 287 -19.92 3.57 -5.00
C PHE A 287 -20.14 2.08 -5.31
N LEU A 288 -19.05 1.31 -5.39
CA LEU A 288 -19.15 -0.13 -5.64
C LEU A 288 -19.90 -0.86 -4.52
N LEU A 289 -19.74 -0.38 -3.28
CA LEU A 289 -20.46 -0.90 -2.13
C LEU A 289 -21.97 -0.89 -2.38
N HIS A 290 -22.50 0.27 -2.75
CA HIS A 290 -23.94 0.39 -2.99
C HIS A 290 -24.35 -0.43 -4.20
N LEU A 291 -23.58 -0.31 -5.27
CA LEU A 291 -23.89 -0.99 -6.52
C LEU A 291 -23.93 -2.52 -6.33
N ASN A 292 -23.00 -3.08 -5.55
CA ASN A 292 -22.90 -4.53 -5.38
C ASN A 292 -23.91 -5.06 -4.39
N LYS A 293 -24.77 -4.16 -3.92
CA LYS A 293 -25.70 -4.38 -2.84
C LYS A 293 -27.14 -4.01 -3.24
N ASP A 294 -27.37 -3.77 -4.53
CA ASP A 294 -28.70 -3.40 -5.01
C ASP A 294 -29.40 -2.37 -4.13
N ASP A 295 -28.59 -1.45 -3.63
CA ASP A 295 -28.95 -0.41 -2.70
C ASP A 295 -29.95 0.61 -3.24
N ASP A 296 -29.96 0.78 -4.56
CA ASP A 296 -30.60 1.93 -5.20
C ASP A 296 -29.93 3.28 -4.89
N LYS A 297 -28.77 3.23 -4.24
CA LYS A 297 -28.04 4.47 -3.95
C LYS A 297 -26.83 4.64 -4.85
N ALA A 298 -26.76 3.86 -5.93
CA ALA A 298 -25.65 4.02 -6.87
C ALA A 298 -26.06 3.69 -8.29
N TRP A 299 -25.77 4.61 -9.21
CA TRP A 299 -26.26 4.48 -10.57
C TRP A 299 -25.18 4.92 -11.53
N TYR A 300 -25.23 4.40 -12.74
CA TYR A 300 -24.29 4.81 -13.77
C TYR A 300 -25.01 4.79 -15.10
N GLY A 301 -24.60 5.68 -15.99
CA GLY A 301 -25.35 5.96 -17.19
C GLY A 301 -25.73 7.43 -17.17
N GLU A 302 -25.68 8.06 -18.33
CA GLU A 302 -26.11 9.46 -18.46
C GLU A 302 -27.55 9.62 -18.01
N LYS A 303 -28.41 8.72 -18.45
CA LYS A 303 -29.84 8.86 -18.19
C LYS A 303 -30.14 8.79 -16.71
N GLU A 304 -29.66 7.73 -16.07
CA GLU A 304 -29.84 7.58 -14.63
C GLU A 304 -29.31 8.76 -13.84
N VAL A 305 -28.11 9.24 -14.18
CA VAL A 305 -27.48 10.29 -13.40
C VAL A 305 -28.16 11.65 -13.60
N VAL A 306 -28.47 11.95 -14.87
CA VAL A 306 -29.27 13.10 -15.23
C VAL A 306 -30.60 13.17 -14.46
N LYS A 307 -31.31 12.02 -14.41
CA LYS A 307 -32.51 11.89 -13.60
C LYS A 307 -32.21 12.19 -12.15
N ALA A 308 -31.29 11.43 -11.58
CA ALA A 308 -30.93 11.58 -10.18
C ALA A 308 -30.70 13.05 -9.83
N ALA A 309 -29.88 13.72 -10.61
CA ALA A 309 -29.58 15.12 -10.35
C ALA A 309 -30.87 15.92 -10.25
N GLU A 310 -31.86 15.58 -11.07
CA GLU A 310 -33.13 16.29 -11.11
C GLU A 310 -33.83 16.37 -9.76
N TYR A 311 -33.64 15.32 -8.95
CA TYR A 311 -34.20 15.23 -7.61
C TYR A 311 -33.29 15.87 -6.53
N GLY A 312 -32.14 16.37 -6.95
CA GLY A 312 -31.16 16.90 -6.01
C GLY A 312 -30.62 15.83 -5.08
N ALA A 313 -30.66 14.57 -5.54
CA ALA A 313 -30.30 13.41 -4.70
C ALA A 313 -28.83 12.98 -4.69
N ILE A 314 -27.98 13.60 -5.50
CA ILE A 314 -26.60 13.11 -5.69
C ILE A 314 -25.64 13.60 -4.62
N SER A 315 -25.03 12.67 -3.88
CA SER A 315 -23.98 13.07 -2.94
C SER A 315 -22.65 13.05 -3.65
N TYR A 316 -22.42 12.03 -4.47
CA TYR A 316 -21.19 12.01 -5.26
C TYR A 316 -21.47 11.87 -6.74
N LEU A 317 -20.96 12.81 -7.51
CA LEU A 317 -21.02 12.75 -8.96
C LEU A 317 -19.65 12.27 -9.42
N LEU A 318 -19.62 11.21 -10.22
CA LEU A 318 -18.36 10.63 -10.70
C LEU A 318 -18.26 10.74 -12.23
N LEU A 319 -17.20 11.41 -12.68
CA LEU A 319 -16.94 11.61 -14.09
C LEU A 319 -15.49 11.21 -14.42
N THR A 320 -15.27 10.66 -15.60
CA THR A 320 -13.90 10.54 -16.08
C THR A 320 -13.52 11.84 -16.78
N ASP A 321 -12.23 12.16 -16.78
CA ASP A 321 -11.73 13.33 -17.47
C ASP A 321 -11.96 13.16 -18.96
N LYS A 322 -12.04 11.92 -19.41
CA LYS A 322 -12.24 11.62 -20.82
C LYS A 322 -13.61 12.11 -21.30
N VAL A 323 -14.59 12.00 -20.43
CA VAL A 323 -15.96 12.25 -20.79
C VAL A 323 -16.28 13.76 -20.84
N LEU A 324 -15.47 14.54 -20.10
CA LEU A 324 -15.60 15.99 -20.03
C LEU A 324 -14.97 16.76 -21.20
N HIS A 325 -14.18 16.10 -22.05
CA HIS A 325 -13.63 16.77 -23.25
C HIS A 325 -13.86 15.96 -24.52
N SER A 326 -14.94 15.18 -24.52
CA SER A 326 -15.42 14.42 -25.68
C SER A 326 -15.78 15.29 -26.88
N ASP A 327 -16.09 14.62 -28.00
CA ASP A 327 -16.56 15.29 -29.23
C ASP A 327 -17.94 15.90 -29.08
N ASN A 328 -18.68 15.39 -28.10
CA ASN A 328 -20.07 15.77 -27.89
C ASN A 328 -20.18 17.01 -27.02
N ILE A 329 -20.15 18.18 -27.64
CA ILE A 329 -20.13 19.44 -26.88
C ILE A 329 -21.38 19.62 -26.03
N ALA A 330 -22.52 19.19 -26.54
CA ALA A 330 -23.78 19.21 -25.80
C ALA A 330 -23.65 18.39 -24.51
N GLN A 331 -23.27 17.13 -24.67
CA GLN A 331 -23.02 16.25 -23.55
C GLN A 331 -21.99 16.78 -22.57
N ARG A 332 -20.90 17.35 -23.07
CA ARG A 332 -19.86 17.75 -22.13
C ARG A 332 -20.32 18.98 -21.31
N GLU A 333 -21.18 19.81 -21.90
CA GLU A 333 -21.71 20.98 -21.18
C GLU A 333 -22.79 20.57 -20.19
N GLU A 334 -23.68 19.67 -20.64
CA GLU A 334 -24.60 19.00 -19.73
C GLU A 334 -23.82 18.46 -18.51
N TYR A 335 -22.77 17.70 -18.77
CA TYR A 335 -22.00 17.12 -17.69
C TYR A 335 -21.39 18.23 -16.82
N LEU A 336 -20.93 19.30 -17.44
CA LEU A 336 -20.32 20.36 -16.67
C LEU A 336 -21.29 21.11 -15.74
N LYS A 337 -22.50 21.37 -16.25
CA LYS A 337 -23.58 21.96 -15.45
C LYS A 337 -23.95 20.99 -14.35
N LEU A 338 -24.19 19.75 -14.74
CA LEU A 338 -24.41 18.66 -13.82
C LEU A 338 -23.47 18.74 -12.61
N ASP A 340 -21.97 21.61 -11.46
CA ASP A 340 -22.48 22.81 -10.77
C ASP A 340 -23.75 22.45 -10.03
N SER A 341 -24.70 21.87 -10.75
CA SER A 341 -25.93 21.42 -10.15
C SER A 341 -25.67 20.59 -8.90
N VAL A 342 -24.98 19.47 -9.03
CA VAL A 342 -24.82 18.59 -7.89
C VAL A 342 -24.19 19.28 -6.69
N GLU A 343 -23.18 20.11 -6.93
CA GLU A 343 -22.49 20.81 -5.84
C GLU A 343 -23.35 21.89 -5.18
N SER A 344 -23.92 22.77 -6.00
CA SER A 344 -24.88 23.74 -5.51
C SER A 344 -25.98 23.05 -4.69
N ASN A 345 -26.32 21.80 -5.01
CA ASN A 345 -27.29 21.09 -4.20
C ASN A 345 -26.69 20.34 -3.01
N GLY A 346 -25.44 20.61 -2.68
CA GLY A 346 -24.85 20.06 -1.47
C GLY A 346 -24.11 18.74 -1.65
N GLY A 347 -23.96 18.32 -2.89
CA GLY A 347 -23.16 17.15 -3.21
C GLY A 347 -21.71 17.52 -3.50
N LYS A 348 -20.90 16.49 -3.72
CA LYS A 348 -19.55 16.67 -4.22
C LYS A 348 -19.44 16.06 -5.61
N ALA A 349 -18.57 16.60 -6.45
CA ALA A 349 -18.32 16.01 -7.74
C ALA A 349 -16.84 15.79 -7.92
N LEU A 350 -16.42 14.59 -8.35
CA LEU A 350 -15.02 14.42 -8.71
C LEU A 350 -14.70 13.76 -10.04
N VAL A 351 -13.53 14.11 -10.54
CA VAL A 351 -13.11 13.69 -11.86
C VAL A 351 -12.02 12.62 -11.71
N LEU A 352 -12.25 11.47 -12.34
CA LEU A 352 -11.34 10.35 -12.18
C LEU A 352 -10.36 10.24 -13.34
N SER A 353 -9.08 10.19 -12.99
CA SER A 353 -8.01 10.14 -13.99
C SER A 353 -8.15 8.87 -14.81
N THR A 354 -8.36 9.01 -16.10
CA THR A 354 -8.43 7.82 -16.94
C THR A 354 -7.05 7.20 -17.22
N LEU A 355 -6.00 7.85 -16.71
CA LEU A 355 -4.64 7.32 -16.78
C LEU A 355 -4.43 6.23 -15.72
N HIS A 356 -5.46 5.91 -14.96
CA HIS A 356 -5.32 4.99 -13.85
C HIS A 356 -6.53 4.10 -13.71
N SER A 357 -6.42 3.07 -12.88
CA SER A 357 -7.44 2.03 -12.85
C SER A 357 -8.85 2.50 -12.45
N LEU A 358 -8.97 3.44 -11.50
CA LEU A 358 -10.29 3.93 -11.11
C LEU A 358 -11.03 4.63 -12.27
N GLY A 359 -10.30 5.41 -13.06
CA GLY A 359 -10.87 6.08 -14.19
C GLY A 359 -11.18 5.08 -15.28
N GLU A 360 -10.23 4.17 -15.52
CA GLU A 360 -10.46 3.07 -16.45
C GLU A 360 -11.75 2.35 -16.04
N GLU A 361 -11.88 2.09 -14.74
CA GLU A 361 -13.07 1.39 -14.29
C GLU A 361 -14.35 2.16 -14.58
N LEU A 362 -14.39 3.44 -14.20
CA LEU A 362 -15.58 4.23 -14.44
C LEU A 362 -15.91 4.26 -15.94
N ASP A 363 -14.89 4.41 -16.77
CA ASP A 363 -15.06 4.36 -18.22
C ASP A 363 -15.83 3.16 -18.68
N GLN A 364 -15.69 2.04 -17.98
CA GLN A 364 -16.38 0.85 -18.42
C GLN A 364 -17.84 0.95 -18.08
N LEU A 365 -18.15 1.91 -17.22
CA LEU A 365 -19.53 2.15 -16.80
C LEU A 365 -20.00 3.50 -17.35
N THR A 366 -19.51 3.84 -18.56
CA THR A 366 -19.94 5.00 -19.38
C THR A 366 -19.30 6.35 -19.02
N GLY A 367 -18.52 6.36 -17.95
CA GLY A 367 -17.75 7.55 -17.60
C GLY A 367 -18.49 8.46 -16.67
N ILE A 368 -19.76 8.13 -16.41
CA ILE A 368 -20.60 8.93 -15.50
C ILE A 368 -21.38 8.03 -14.55
N ALA A 369 -21.31 8.37 -13.27
CA ALA A 369 -21.95 7.57 -12.24
C ALA A 369 -22.24 8.46 -11.03
N CYS A 370 -23.01 7.96 -10.08
CA CYS A 370 -23.32 8.73 -8.87
C CYS A 370 -23.59 7.86 -7.65
N ILE A 371 -23.30 8.42 -6.47
CA ILE A 371 -23.80 7.87 -5.22
C ILE A 371 -24.90 8.82 -4.76
N LEU A 372 -26.03 8.26 -4.35
CA LEU A 372 -27.17 9.06 -3.95
C LEU A 372 -27.20 9.27 -2.46
N LYS A 373 -27.87 10.32 -1.98
CA LYS A 373 -27.96 10.63 -0.56
C LYS A 373 -28.93 9.68 0.11
N TYR A 374 -29.83 9.16 -0.70
CA TYR A 374 -30.88 8.32 -0.21
C TYR A 374 -31.36 7.52 -1.40
N PRO A 375 -31.83 6.30 -1.16
CA PRO A 375 -32.29 5.44 -2.23
C PRO A 375 -33.31 6.14 -3.13
N LEU A 376 -33.23 5.84 -4.42
CA LEU A 376 -34.15 6.30 -5.45
C LEU A 376 -34.30 5.13 -6.40
N PRO A 377 -35.51 4.56 -6.50
CA PRO A 377 -35.64 3.34 -7.32
C PRO A 377 -35.97 3.59 -8.81
N ASP A 378 -35.70 2.59 -9.65
CA ASP A 378 -36.14 2.59 -11.04
C ASP A 378 -35.66 3.77 -11.86
N LEU A 379 -34.49 4.29 -11.54
CA LEU A 379 -33.92 5.39 -12.31
C LEU A 379 -33.59 4.98 -13.74
N ASP A 380 -33.49 3.66 -13.97
CA ASP A 380 -33.20 3.17 -15.29
C ASP A 380 -34.49 2.88 -16.07
N GLU A 381 -35.55 2.54 -15.36
CA GLU A 381 -36.85 2.36 -15.98
C GLU A 381 -37.40 3.69 -16.52
N ASP A 382 -38.12 3.61 -17.64
CA ASP A 382 -38.71 4.82 -18.22
C ASP A 382 -40.07 5.15 -17.60
N LYS B 2 10.03 -30.88 7.57
CA LYS B 2 9.55 -32.21 7.88
C LYS B 2 10.03 -32.52 9.26
N VAL B 3 9.15 -32.86 10.17
CA VAL B 3 9.64 -33.45 11.41
C VAL B 3 9.39 -34.95 11.32
N ILE B 4 10.46 -35.73 11.27
CA ILE B 4 10.25 -37.15 11.12
C ILE B 4 10.00 -37.82 12.49
N SER B 5 10.42 -37.17 13.57
CA SER B 5 9.91 -37.56 14.88
C SER B 5 10.36 -36.63 15.98
N LEU B 6 9.53 -36.56 17.01
CA LEU B 6 9.83 -35.73 18.15
C LEU B 6 9.35 -36.47 19.39
N LYS B 7 10.24 -36.63 20.34
CA LYS B 7 9.90 -37.29 21.58
C LYS B 7 10.25 -36.34 22.69
N LYS B 8 9.23 -35.87 23.41
CA LYS B 8 9.47 -35.09 24.61
C LYS B 8 9.76 -36.07 25.76
N ASP B 9 10.92 -35.89 26.38
CA ASP B 9 11.52 -36.93 27.22
C ASP B 9 11.17 -36.75 28.71
N LYS B 13 11.43 -32.09 31.34
CA LYS B 13 11.43 -30.69 31.80
C LYS B 13 11.92 -29.71 30.71
N GLY B 14 11.38 -29.85 29.49
CA GLY B 14 11.93 -29.16 28.33
C GLY B 14 12.78 -30.12 27.48
N GLY B 15 13.05 -31.31 28.02
CA GLY B 15 13.80 -32.32 27.31
C GLY B 15 13.14 -32.83 26.04
N ALA B 16 13.86 -32.81 24.92
CA ALA B 16 13.33 -33.22 23.63
C ALA B 16 14.38 -33.80 22.68
N VAL B 17 14.00 -34.80 21.92
CA VAL B 17 14.83 -35.33 20.87
C VAL B 17 14.08 -35.15 19.57
N ILE B 18 14.59 -34.28 18.71
CA ILE B 18 13.87 -33.88 17.52
C ILE B 18 14.65 -34.28 16.29
N THR B 19 14.01 -34.97 15.37
CA THR B 19 14.70 -35.31 14.13
C THR B 19 13.91 -34.67 13.02
N LEU B 20 14.58 -33.84 12.23
CA LEU B 20 13.88 -32.94 11.33
C LEU B 20 14.67 -32.62 10.07
N LEU B 21 13.94 -32.22 9.03
CA LEU B 21 14.57 -31.91 7.76
C LEU B 21 14.14 -30.54 7.28
N PRO B 22 15.05 -29.56 7.29
CA PRO B 22 14.67 -28.26 6.73
C PRO B 22 14.53 -28.35 5.21
N GLU B 23 13.67 -27.53 4.63
CA GLU B 23 13.40 -27.59 3.19
C GLU B 23 13.56 -26.29 2.43
N ASP B 24 13.74 -25.20 3.15
CA ASP B 24 13.88 -23.91 2.49
C ASP B 24 14.46 -22.91 3.49
N LYS B 25 14.72 -21.69 3.03
CA LYS B 25 15.43 -20.76 3.91
C LYS B 25 14.62 -20.38 5.14
N GLU B 26 13.30 -20.34 5.00
CA GLU B 26 12.41 -20.07 6.13
C GLU B 26 12.60 -21.13 7.22
N ASP B 27 12.80 -22.40 6.81
CA ASP B 27 12.99 -23.47 7.79
C ASP B 27 14.29 -23.26 8.51
N LEU B 28 15.26 -22.65 7.82
CA LEU B 28 16.54 -22.36 8.43
C LEU B 28 16.33 -21.32 9.51
N PHE B 29 15.38 -20.41 9.29
CA PHE B 29 15.09 -19.41 10.32
C PHE B 29 14.42 -20.08 11.52
N THR B 30 13.56 -21.07 11.25
CA THR B 30 12.92 -21.81 12.31
C THR B 30 13.96 -22.53 13.15
N VAL B 31 14.83 -23.31 12.49
CA VAL B 31 15.89 -24.02 13.19
C VAL B 31 16.75 -23.06 14.01
N TYR B 32 17.06 -21.89 13.44
CA TYR B 32 17.90 -20.90 14.08
C TYR B 32 17.30 -20.42 15.38
N GLN B 33 15.97 -20.46 15.48
CA GLN B 33 15.27 -20.04 16.70
C GLN B 33 15.06 -21.17 17.69
N ILE B 34 15.49 -22.37 17.33
CA ILE B 34 15.38 -23.48 18.26
C ILE B 34 16.75 -23.83 18.85
N VAL B 35 17.74 -24.09 18.00
CA VAL B 35 19.03 -24.61 18.49
C VAL B 35 19.82 -23.62 19.36
N ASP B 36 20.20 -24.05 20.56
CA ASP B 36 20.95 -23.21 21.50
C ASP B 36 22.36 -23.74 21.70
N LYS B 37 23.25 -22.92 22.26
CA LYS B 37 24.56 -23.40 22.70
C LYS B 37 24.31 -24.50 23.71
N ASP B 38 25.12 -25.54 23.68
CA ASP B 38 24.96 -26.70 24.57
C ASP B 38 23.97 -27.75 24.14
N ASP B 39 23.08 -27.44 23.21
CA ASP B 39 22.24 -28.48 22.61
C ASP B 39 23.17 -29.44 21.90
N GLU B 40 22.66 -30.60 21.50
CA GLU B 40 23.50 -31.54 20.76
C GLU B 40 22.89 -31.81 19.39
N LEU B 41 23.75 -32.08 18.40
CA LEU B 41 23.29 -32.30 17.02
C LEU B 41 23.88 -33.59 16.50
N ILE B 42 23.04 -34.45 15.96
CA ILE B 42 23.56 -35.62 15.27
C ILE B 42 23.24 -35.44 13.83
N PHE B 43 24.26 -35.54 13.00
CA PHE B 43 24.13 -35.23 11.60
C PHE B 43 25.02 -36.13 10.79
N LYS B 44 24.87 -36.03 9.46
CA LYS B 44 25.74 -36.72 8.52
C LYS B 44 26.61 -35.72 7.79
N LYS B 45 27.85 -36.10 7.51
CA LYS B 45 28.78 -35.23 6.79
C LYS B 45 29.74 -36.09 5.98
N LYS B 46 30.35 -35.52 4.95
CA LYS B 46 31.26 -36.29 4.09
C LYS B 46 32.72 -36.22 4.53
N PHE B 47 33.19 -34.99 4.77
CA PHE B 47 34.61 -34.70 5.02
C PHE B 47 35.38 -34.40 3.72
N THR B 60 35.19 -42.46 0.87
CA THR B 60 34.80 -41.53 1.94
C THR B 60 33.35 -41.10 1.82
N ASP B 61 32.44 -41.83 2.47
CA ASP B 61 31.01 -41.51 2.38
C ASP B 61 30.52 -40.80 3.64
N LEU B 62 29.21 -40.63 3.73
CA LEU B 62 28.61 -39.96 4.88
C LEU B 62 29.00 -40.68 6.15
N VAL B 63 29.36 -39.93 7.17
CA VAL B 63 29.56 -40.52 8.47
C VAL B 63 28.62 -39.89 9.47
N LYS B 64 28.23 -40.65 10.48
CA LYS B 64 27.36 -40.14 11.53
C LYS B 64 28.18 -39.46 12.63
N LEU B 65 27.87 -38.19 12.90
CA LEU B 65 28.61 -37.40 13.89
C LEU B 65 27.68 -36.75 14.91
N LYS B 66 28.24 -36.40 16.07
CA LYS B 66 27.46 -35.78 17.11
C LYS B 66 28.24 -34.68 17.77
N ILE B 67 27.70 -33.47 17.78
CA ILE B 67 28.42 -32.37 18.42
C ILE B 67 27.58 -31.75 19.50
N LYS B 68 28.26 -30.97 20.31
CA LYS B 68 27.65 -30.08 21.25
C LYS B 68 27.87 -28.71 20.65
N VAL B 69 26.79 -27.98 20.42
CA VAL B 69 26.82 -26.65 19.83
C VAL B 69 27.52 -25.61 20.71
N ILE B 70 28.52 -24.95 20.14
CA ILE B 70 29.25 -23.88 20.80
C ILE B 70 28.93 -22.50 20.18
N SER B 71 28.96 -22.41 18.85
CA SER B 71 28.59 -21.17 18.18
C SER B 71 27.86 -21.46 16.88
N GLU B 72 27.49 -20.41 16.16
CA GLU B 72 26.83 -20.59 14.85
C GLU B 72 27.14 -19.45 13.87
N ASP B 73 27.00 -19.74 12.58
CA ASP B 73 27.01 -18.76 11.50
C ASP B 73 25.64 -18.83 10.83
N PHE B 74 24.84 -17.76 10.95
CA PHE B 74 23.55 -17.71 10.27
C PHE B 74 23.44 -16.51 9.34
N ASP B 75 23.20 -16.80 8.07
CA ASP B 75 22.99 -15.78 7.04
C ASP B 75 21.72 -16.10 6.22
N LYS B 77 19.73 -14.25 4.05
CA LYS B 77 20.00 -13.91 2.65
C LYS B 77 20.69 -15.06 1.92
N ASP B 78 21.84 -15.48 2.46
CA ASP B 78 22.67 -16.44 1.75
C ASP B 78 22.16 -17.86 1.90
N GLU B 79 21.06 -18.04 2.64
CA GLU B 79 20.48 -19.38 2.96
C GLU B 79 21.45 -20.31 3.64
N TYR B 80 22.12 -19.77 4.66
CA TYR B 80 23.26 -20.43 5.26
C TYR B 80 23.08 -20.58 6.78
N LEU B 81 23.10 -21.82 7.27
CA LEU B 81 23.11 -22.04 8.71
C LEU B 81 24.12 -23.15 9.09
N LYS B 82 25.17 -22.75 9.80
CA LYS B 82 26.25 -23.61 10.21
C LYS B 82 26.35 -23.53 11.72
N TYR B 83 26.36 -24.70 12.35
CA TYR B 83 26.61 -24.85 13.77
C TYR B 83 28.03 -25.35 14.01
N LYS B 84 28.78 -24.64 14.84
CA LYS B 84 30.15 -25.03 15.17
C LYS B 84 30.19 -25.61 16.58
N GLY B 85 30.88 -26.73 16.75
CA GLY B 85 31.04 -27.28 18.08
C GLY B 85 32.12 -28.32 18.20
N VAL B 86 32.04 -29.11 19.26
CA VAL B 86 33.00 -30.18 19.46
C VAL B 86 32.29 -31.51 19.57
N THR B 87 32.98 -32.59 19.22
CA THR B 87 32.41 -33.90 19.35
C THR B 87 32.08 -34.20 20.80
N VAL B 88 30.99 -34.92 20.99
CA VAL B 88 30.64 -35.39 22.30
C VAL B 88 30.22 -36.82 22.17
N THR B 89 30.23 -37.45 23.32
CA THR B 89 29.97 -38.86 23.48
C THR B 89 28.56 -39.26 23.07
N ASP B 90 28.41 -40.48 22.58
CA ASP B 90 27.09 -40.98 22.22
C ASP B 90 26.91 -42.42 22.68
N GLU B 91 26.10 -42.59 23.72
CA GLU B 91 25.94 -43.88 24.41
C GLU B 91 25.62 -45.08 23.51
N SER B 92 25.17 -44.82 22.29
CA SER B 92 24.83 -45.89 21.35
C SER B 92 26.00 -46.25 20.45
N GLY B 93 27.11 -45.51 20.57
CA GLY B 93 28.30 -45.76 19.77
C GLY B 93 28.13 -45.63 18.27
N ALA B 94 27.01 -45.05 17.85
CA ALA B 94 26.72 -44.97 16.43
C ALA B 94 27.44 -43.80 15.74
N SER B 95 28.00 -42.89 16.52
CA SER B 95 28.52 -41.66 15.93
C SER B 95 29.90 -41.27 16.42
N ASN B 96 30.58 -40.42 15.66
CA ASN B 96 31.94 -40.04 15.98
C ASN B 96 32.94 -41.22 15.93
N VAL B 97 32.60 -42.24 15.15
CA VAL B 97 33.45 -43.42 14.98
C VAL B 97 34.93 -43.09 14.70
N ASP B 98 35.79 -43.60 15.56
CA ASP B 98 37.22 -43.42 15.38
C ASP B 98 37.58 -41.93 15.35
N ILE B 99 36.72 -41.06 15.89
CA ILE B 99 37.16 -39.68 16.09
C ILE B 99 37.11 -39.36 17.57
N PRO B 100 38.10 -38.61 18.07
CA PRO B 100 38.23 -38.28 19.49
C PRO B 100 37.18 -37.29 19.99
N VAL B 101 36.84 -37.38 21.28
CA VAL B 101 35.93 -36.39 21.87
C VAL B 101 36.63 -35.06 22.09
N GLY B 102 35.88 -33.98 21.92
CA GLY B 102 36.42 -32.65 22.10
C GLY B 102 37.00 -32.05 20.82
N LYS B 103 36.87 -32.77 19.71
CA LYS B 103 37.38 -32.31 18.44
C LYS B 103 36.48 -31.25 17.76
N TYR B 104 37.10 -30.21 17.21
CA TYR B 104 36.39 -29.14 16.51
C TYR B 104 35.71 -29.71 15.29
N LEU B 105 34.47 -29.33 15.07
CA LEU B 105 33.67 -29.89 14.00
C LEU B 105 32.50 -28.94 13.70
N SER B 106 32.15 -28.76 12.43
CA SER B 106 30.97 -27.95 12.10
C SER B 106 29.96 -28.71 11.28
N PHE B 107 28.70 -28.27 11.35
CA PHE B 107 27.60 -28.85 10.58
C PHE B 107 26.82 -27.75 9.85
N THR B 108 26.91 -27.76 8.52
CA THR B 108 26.17 -26.83 7.67
C THR B 108 24.86 -27.45 7.28
N LEU B 109 23.74 -26.85 7.65
CA LEU B 109 22.41 -27.40 7.30
C LEU B 109 22.23 -27.52 5.80
N ASP B 110 21.58 -28.61 5.40
CA ASP B 110 21.26 -28.87 3.99
C ASP B 110 19.80 -29.29 3.87
N TYR B 111 19.28 -29.44 2.66
CA TYR B 111 17.87 -29.78 2.51
C TYR B 111 17.71 -31.22 2.11
N VAL B 112 18.75 -32.02 2.31
CA VAL B 112 18.79 -33.39 1.82
C VAL B 112 18.64 -34.45 2.91
N TYR B 113 19.42 -34.34 3.99
CA TYR B 113 19.40 -35.31 5.08
C TYR B 113 18.87 -34.73 6.42
N PRO B 114 17.97 -35.45 7.08
CA PRO B 114 17.52 -35.01 8.42
C PRO B 114 18.68 -35.00 9.37
N PHE B 115 18.57 -34.24 10.45
CA PHE B 115 19.52 -34.29 11.54
C PHE B 115 18.70 -34.34 12.80
N THR B 116 19.31 -34.61 13.94
CA THR B 116 18.52 -34.56 15.13
C THR B 116 19.09 -33.60 16.16
N ILE B 117 18.19 -32.95 16.89
CA ILE B 117 18.55 -32.00 17.91
C ILE B 117 18.16 -32.64 19.22
N ILE B 118 19.07 -32.61 20.19
CA ILE B 118 18.80 -33.11 21.52
C ILE B 118 18.84 -31.94 22.47
N LYS B 119 17.75 -31.66 23.14
CA LYS B 119 17.56 -30.34 23.69
C LYS B 119 16.93 -30.39 25.08
N GLN B 120 17.54 -29.71 26.06
CA GLN B 120 16.98 -29.70 27.42
C GLN B 120 15.96 -28.56 27.65
N ASN B 121 15.96 -27.53 26.80
CA ASN B 121 15.04 -26.41 26.97
C ASN B 121 14.19 -26.07 25.74
N PHE B 122 13.48 -27.07 25.24
CA PHE B 122 12.61 -26.89 24.09
C PHE B 122 11.24 -26.41 24.56
N ASN B 123 10.99 -25.11 24.42
CA ASN B 123 9.82 -24.46 25.02
C ASN B 123 8.59 -24.47 24.12
N LYS B 124 7.45 -23.97 24.61
CA LYS B 124 6.19 -24.02 23.85
C LYS B 124 6.16 -23.10 22.66
N PHE B 125 6.93 -22.01 22.72
CA PHE B 125 7.03 -21.12 21.57
C PHE B 125 7.74 -21.82 20.42
N GLN B 127 7.95 -24.94 19.95
CA GLN B 127 7.13 -26.02 19.45
C GLN B 127 6.11 -25.50 18.46
N LYS B 128 5.58 -24.31 18.72
CA LYS B 128 4.70 -23.68 17.77
C LYS B 128 5.44 -23.37 16.46
N LEU B 129 6.61 -22.77 16.53
CA LEU B 129 7.30 -22.44 15.32
C LEU B 129 7.54 -23.68 14.50
N LEU B 130 7.96 -24.75 15.17
CA LEU B 130 8.34 -25.95 14.45
C LEU B 130 7.09 -26.63 13.85
N ASN B 131 6.01 -26.69 14.61
CA ASN B 131 4.80 -27.27 14.09
C ASN B 131 4.26 -26.48 12.91
N GLU B 132 4.20 -25.15 13.03
CA GLU B 132 3.79 -24.29 11.91
C GLU B 132 4.64 -24.53 10.66
N ALA B 133 5.95 -24.70 10.87
CA ALA B 133 6.87 -24.88 9.78
C ALA B 133 6.56 -26.15 8.99
N CYS B 134 5.74 -27.01 9.57
CA CYS B 134 5.43 -28.31 8.98
C CYS B 134 4.14 -28.32 8.19
N ASN B 135 3.35 -27.27 8.31
CA ASN B 135 2.04 -27.26 7.69
C ASN B 135 2.16 -26.67 6.30
N ILE B 136 2.40 -27.52 5.31
CA ILE B 136 2.72 -27.07 3.98
C ILE B 136 1.77 -26.01 3.46
N GLU B 137 0.47 -26.31 3.52
CA GLU B 137 -0.53 -25.44 2.91
C GLU B 137 -0.73 -24.12 3.66
N TYR B 138 -0.41 -24.10 4.95
CA TYR B 138 -0.56 -22.89 5.75
C TYR B 138 0.74 -22.18 6.10
N LYS B 139 1.86 -22.68 5.60
CA LYS B 139 3.12 -22.08 6.02
C LYS B 139 3.22 -20.61 5.64
N SER B 140 2.80 -20.29 4.42
CA SER B 140 2.83 -18.89 3.94
C SER B 140 1.71 -18.02 4.51
N ASP B 141 0.79 -18.63 5.26
CA ASP B 141 -0.34 -17.91 5.87
C ASP B 141 -1.09 -17.06 4.85
N THR B 142 -1.31 -17.66 3.67
CA THR B 142 -1.88 -16.98 2.51
C THR B 142 -2.93 -17.85 1.81
N ALA B 143 -4.09 -17.28 1.52
CA ALA B 143 -5.05 -17.92 0.62
C ALA B 143 -5.20 -17.05 -0.61
N ALA B 144 -5.96 -17.51 -1.59
CA ALA B 144 -6.29 -16.65 -2.74
C ALA B 144 -7.58 -17.14 -3.33
N VAL B 145 -8.43 -16.22 -3.75
CA VAL B 145 -9.57 -16.58 -4.60
C VAL B 145 -9.42 -15.87 -5.93
N VAL B 146 -9.21 -16.62 -7.02
CA VAL B 146 -9.27 -16.09 -8.39
C VAL B 146 -10.60 -16.40 -9.07
N LEU B 147 -11.18 -15.41 -9.75
CA LEU B 147 -12.42 -15.62 -10.48
C LEU B 147 -12.44 -14.98 -11.85
N GLN B 148 -13.15 -15.64 -12.76
CA GLN B 148 -13.44 -15.15 -14.09
C GLN B 148 -14.95 -14.95 -14.04
N GLU B 149 -15.61 -14.84 -15.18
CA GLU B 149 -17.06 -14.58 -15.13
C GLU B 149 -17.92 -15.64 -14.43
N GLY B 150 -17.70 -16.91 -14.75
CA GLY B 150 -18.53 -17.94 -14.11
C GLY B 150 -17.75 -18.95 -13.30
N ILE B 151 -16.50 -18.61 -12.98
CA ILE B 151 -15.63 -19.56 -12.31
C ILE B 151 -14.76 -18.96 -11.19
N ALA B 152 -14.82 -19.59 -10.02
CA ALA B 152 -14.04 -19.18 -8.86
C ALA B 152 -13.14 -20.33 -8.35
N HIS B 153 -11.90 -20.02 -8.00
CA HIS B 153 -11.00 -21.00 -7.40
C HIS B 153 -10.55 -20.55 -6.03
N VAL B 154 -11.05 -21.20 -4.98
CA VAL B 154 -10.60 -20.91 -3.63
C VAL B 154 -9.34 -21.76 -3.33
N CYS B 155 -8.21 -21.08 -3.13
CA CYS B 155 -6.91 -21.73 -2.99
C CYS B 155 -6.20 -21.41 -1.67
N LEU B 156 -5.20 -22.24 -1.36
CA LEU B 156 -4.14 -21.90 -0.42
C LEU B 156 -2.86 -21.73 -1.21
N VAL B 157 -2.09 -20.71 -0.87
CA VAL B 157 -0.87 -20.41 -1.59
C VAL B 157 0.38 -20.66 -0.73
N THR B 158 1.35 -21.39 -1.28
CA THR B 158 2.63 -21.59 -0.62
C THR B 158 3.69 -20.77 -1.36
N SER B 159 4.94 -20.90 -0.93
CA SER B 159 6.05 -20.12 -1.51
C SER B 159 6.49 -20.65 -2.87
N SER B 160 5.97 -21.81 -3.25
CA SER B 160 6.40 -22.46 -4.47
C SER B 160 5.24 -22.89 -5.38
N SER B 161 4.04 -23.04 -4.81
CA SER B 161 2.92 -23.65 -5.54
C SER B 161 1.57 -23.12 -5.09
N THR B 162 0.52 -23.39 -5.87
CA THR B 162 -0.85 -23.05 -5.50
C THR B 162 -1.66 -24.32 -5.26
N ILE B 163 -2.43 -24.35 -4.18
CA ILE B 163 -3.23 -25.52 -3.83
C ILE B 163 -4.71 -25.19 -3.95
N LEU B 164 -5.36 -25.66 -5.00
CA LEU B 164 -6.81 -25.51 -5.16
C LEU B 164 -7.58 -26.27 -4.08
N LYS B 165 -8.46 -25.61 -3.36
CA LYS B 165 -9.21 -26.26 -2.28
C LYS B 165 -10.70 -26.44 -2.61
N GLN B 166 -11.11 -25.89 -3.73
CA GLN B 166 -12.54 -25.76 -4.01
C GLN B 166 -12.80 -24.92 -5.27
N LYS B 167 -13.53 -25.50 -6.20
CA LYS B 167 -13.81 -24.87 -7.49
C LYS B 167 -15.30 -24.54 -7.53
N ILE B 168 -15.66 -23.34 -8.00
CA ILE B 168 -17.08 -22.95 -8.12
C ILE B 168 -17.38 -22.52 -9.55
N GLU B 169 -18.55 -22.93 -10.07
CA GLU B 169 -18.80 -22.81 -11.52
C GLU B 169 -20.27 -22.68 -11.88
N TYR B 170 -20.64 -21.54 -12.48
CA TYR B 170 -21.91 -21.34 -13.20
C TYR B 170 -22.17 -19.88 -13.61
N VAL B 181 -22.12 -5.77 -16.35
CA VAL B 181 -23.19 -6.09 -15.42
C VAL B 181 -22.73 -6.13 -13.96
N LEU B 182 -22.96 -5.02 -13.26
CA LEU B 182 -22.77 -4.99 -11.82
C LEU B 182 -24.12 -5.09 -11.12
N LYS B 183 -25.14 -5.49 -11.87
CA LYS B 183 -26.56 -5.42 -11.46
C LYS B 183 -27.01 -6.42 -10.39
N PHE B 184 -27.55 -7.54 -10.84
CA PHE B 184 -28.00 -8.59 -9.93
C PHE B 184 -28.48 -9.80 -10.72
N ASP B 185 -28.42 -10.96 -10.08
CA ASP B 185 -28.84 -12.18 -10.73
C ASP B 185 -29.20 -13.16 -9.62
N GLU B 186 -30.01 -14.15 -9.96
CA GLU B 186 -30.12 -15.29 -9.07
C GLU B 186 -28.89 -16.13 -9.33
N LYS B 187 -28.59 -16.34 -10.60
CA LYS B 187 -27.41 -17.06 -11.03
C LYS B 187 -26.14 -16.57 -10.33
N THR B 188 -25.98 -15.25 -10.22
CA THR B 188 -24.73 -14.72 -9.69
C THR B 188 -24.75 -14.47 -8.17
N GLU B 189 -25.94 -14.40 -7.58
CA GLU B 189 -26.01 -14.26 -6.13
C GLU B 189 -25.82 -15.61 -5.43
N LYS B 190 -26.15 -16.68 -6.14
CA LYS B 190 -25.85 -18.00 -5.62
C LYS B 190 -24.35 -18.25 -5.77
N PHE B 191 -23.76 -17.69 -6.82
CA PHE B 191 -22.35 -17.83 -7.14
C PHE B 191 -21.47 -17.24 -6.04
N TYR B 192 -21.56 -15.93 -5.85
CA TYR B 192 -20.80 -15.24 -4.81
C TYR B 192 -20.97 -15.90 -3.45
N LYS B 193 -22.23 -16.09 -3.06
CA LYS B 193 -22.57 -16.69 -1.78
C LYS B 193 -22.02 -18.13 -1.67
N ALA B 194 -21.82 -18.77 -2.82
CA ALA B 194 -21.24 -20.10 -2.85
C ALA B 194 -19.77 -20.01 -2.48
N ILE B 195 -19.09 -19.06 -3.11
CA ILE B 195 -17.70 -18.75 -2.80
C ILE B 195 -17.56 -18.42 -1.32
N TYR B 196 -18.36 -17.49 -0.82
CA TYR B 196 -18.28 -17.13 0.57
C TYR B 196 -18.39 -18.37 1.45
N SER B 197 -19.28 -19.29 1.08
CA SER B 197 -19.47 -20.45 1.93
C SER B 197 -18.29 -21.43 1.78
N ALA B 198 -17.78 -21.57 0.56
CA ALA B 198 -16.62 -22.41 0.32
C ALA B 198 -15.43 -21.87 1.09
N LYS B 200 -15.40 -20.00 3.85
CA LYS B 200 -15.43 -20.21 5.29
C LYS B 200 -15.47 -21.68 5.68
N LYS B 201 -15.76 -22.54 4.70
CA LYS B 201 -15.58 -23.97 4.90
C LYS B 201 -14.11 -24.39 4.82
N ASP B 202 -13.38 -23.91 3.81
CA ASP B 202 -12.06 -24.46 3.48
C ASP B 202 -10.83 -23.64 3.88
N LEU B 203 -11.04 -22.51 4.56
CA LEU B 203 -9.92 -21.67 4.98
C LEU B 203 -9.97 -21.42 6.46
N ASN B 204 -8.84 -21.60 7.14
CA ASN B 204 -8.72 -21.30 8.55
C ASN B 204 -8.33 -19.84 8.78
N PHE B 205 -9.32 -18.97 8.90
CA PHE B 205 -9.06 -17.55 9.00
C PHE B 205 -8.09 -17.14 10.11
N ASP B 206 -8.09 -17.88 11.21
CA ASP B 206 -7.17 -17.60 12.33
C ASP B 206 -5.69 -17.84 11.95
N LYS B 207 -5.47 -18.70 10.96
CA LYS B 207 -4.12 -18.94 10.48
C LYS B 207 -3.72 -17.94 9.40
N LEU B 208 -4.63 -17.63 8.50
CA LEU B 208 -4.28 -16.80 7.35
C LEU B 208 -3.94 -15.37 7.74
N LYS B 209 -2.98 -14.77 7.04
CA LYS B 209 -2.65 -13.38 7.33
C LYS B 209 -2.84 -12.57 6.07
N THR B 210 -2.87 -13.24 4.93
CA THR B 210 -3.14 -12.60 3.64
C THR B 210 -4.14 -13.41 2.86
N ILE B 211 -5.25 -12.79 2.48
CA ILE B 211 -6.20 -13.37 1.54
C ILE B 211 -6.25 -12.51 0.29
N ILE B 212 -5.71 -13.02 -0.82
CA ILE B 212 -5.73 -12.32 -2.10
C ILE B 212 -7.02 -12.62 -2.86
N LEU B 213 -7.72 -11.56 -3.28
CA LEU B 213 -8.83 -11.70 -4.21
C LEU B 213 -8.41 -11.05 -5.53
N CYS B 214 -8.26 -11.86 -6.57
CA CYS B 214 -7.85 -11.33 -7.86
C CYS B 214 -8.65 -11.89 -9.05
N SER B 215 -8.88 -11.01 -10.02
CA SER B 215 -9.63 -11.36 -11.21
C SER B 215 -9.37 -10.32 -12.26
N PRO B 216 -9.84 -10.61 -13.48
CA PRO B 216 -10.01 -9.58 -14.50
C PRO B 216 -11.25 -8.82 -14.11
N GLY B 217 -11.41 -7.62 -14.63
CA GLY B 217 -12.65 -6.87 -14.42
C GLY B 217 -12.98 -6.59 -12.97
N PHE B 218 -14.28 -6.68 -12.68
CA PHE B 218 -14.84 -6.24 -11.41
C PHE B 218 -15.06 -7.39 -10.42
N TYR B 219 -14.77 -8.62 -10.85
CA TYR B 219 -15.16 -9.81 -10.06
C TYR B 219 -14.55 -9.85 -8.66
N ALA B 220 -13.25 -9.58 -8.54
CA ALA B 220 -12.60 -9.53 -7.23
C ALA B 220 -13.25 -8.47 -6.34
N LYS B 221 -13.43 -7.26 -6.91
CA LYS B 221 -14.07 -6.17 -6.17
C LYS B 221 -15.47 -6.55 -5.71
N ILE B 222 -16.22 -7.22 -6.58
CA ILE B 222 -17.59 -7.62 -6.23
C ILE B 222 -17.61 -8.68 -5.11
N LEU B 223 -16.70 -9.65 -5.22
CA LEU B 223 -16.57 -10.72 -4.24
C LEU B 223 -16.25 -10.12 -2.87
N ASP B 225 -16.85 -7.23 -1.70
CA ASP B 225 -18.04 -6.55 -1.23
C ASP B 225 -19.08 -7.53 -0.77
N LYS B 226 -19.31 -8.58 -1.55
CA LYS B 226 -20.23 -9.64 -1.17
C LYS B 226 -19.79 -10.32 0.13
N ILE B 227 -18.50 -10.63 0.24
CA ILE B 227 -17.92 -11.28 1.41
C ILE B 227 -18.17 -10.46 2.67
N PHE B 228 -17.86 -9.18 2.62
CA PHE B 228 -18.10 -8.34 3.78
C PHE B 228 -19.60 -8.20 4.10
N GLN B 229 -20.41 -8.08 3.06
CA GLN B 229 -21.85 -7.98 3.20
C GLN B 229 -22.37 -9.18 3.98
N TYR B 230 -22.12 -10.38 3.44
CA TYR B 230 -22.49 -11.63 4.10
C TYR B 230 -21.97 -11.73 5.56
N ALA B 231 -20.68 -11.47 5.78
CA ALA B 231 -20.13 -11.50 7.13
C ALA B 231 -20.93 -10.62 8.09
N GLU B 232 -21.26 -9.41 7.68
CA GLU B 232 -22.02 -8.52 8.55
C GLU B 232 -23.34 -9.11 8.96
N GLU B 233 -24.05 -9.67 7.98
CA GLU B 233 -25.26 -10.41 8.23
C GLU B 233 -25.07 -11.44 9.34
N GLU B 234 -24.20 -12.42 9.11
CA GLU B 234 -23.84 -13.45 10.10
C GLU B 234 -23.06 -12.96 11.33
N HIS B 235 -22.62 -11.71 11.34
CA HIS B 235 -21.74 -11.21 12.40
C HIS B 235 -20.53 -12.13 12.57
N ASN B 236 -20.01 -12.59 11.42
CA ASN B 236 -18.80 -13.40 11.32
C ASN B 236 -17.55 -12.58 11.63
N LYS B 237 -17.09 -12.63 12.87
CA LYS B 237 -16.05 -11.71 13.34
C LYS B 237 -14.63 -12.06 12.89
N LYS B 238 -14.40 -13.32 12.49
CA LYS B 238 -13.06 -13.70 12.05
C LYS B 238 -12.74 -13.02 10.72
N ILE B 239 -13.78 -12.65 9.99
CA ILE B 239 -13.65 -11.80 8.80
C ILE B 239 -13.79 -10.34 9.19
N LEU B 240 -14.84 -10.02 9.93
CA LEU B 240 -15.14 -8.64 10.27
C LEU B 240 -14.08 -7.93 11.13
N ASP B 241 -13.15 -8.70 11.69
CA ASP B 241 -12.11 -8.07 12.48
C ASP B 241 -10.79 -8.01 11.72
N ASN B 242 -10.61 -8.94 10.78
CA ASN B 242 -9.37 -9.10 10.03
C ASN B 242 -9.41 -8.59 8.58
N LYS B 243 -10.28 -7.62 8.29
CA LYS B 243 -10.42 -7.12 6.94
C LYS B 243 -9.06 -6.76 6.36
N GLY B 244 -8.13 -6.37 7.24
CA GLY B 244 -6.81 -5.96 6.80
C GLY B 244 -6.00 -7.01 6.06
N PHE B 246 -7.16 -8.79 3.71
CA PHE B 246 -7.59 -8.84 2.33
C PHE B 246 -6.79 -7.92 1.44
N PHE B 247 -6.58 -8.39 0.23
CA PHE B 247 -5.87 -7.63 -0.77
C PHE B 247 -6.50 -8.00 -2.10
N ILE B 248 -7.09 -7.01 -2.76
CA ILE B 248 -7.71 -7.17 -4.06
C ILE B 248 -6.73 -6.76 -5.14
N ALA B 249 -6.67 -7.53 -6.22
CA ALA B 249 -5.72 -7.25 -7.29
C ALA B 249 -6.25 -7.74 -8.63
N HIS B 250 -5.70 -7.21 -9.69
CA HIS B 250 -6.11 -7.58 -11.03
C HIS B 250 -5.18 -8.64 -11.57
N CYS B 251 -5.75 -9.56 -12.35
CA CYS B 251 -4.96 -10.49 -13.14
C CYS B 251 -5.76 -10.78 -14.41
N SER B 252 -5.20 -11.57 -15.30
CA SER B 252 -5.79 -11.71 -16.63
C SER B 252 -6.75 -12.88 -16.78
N THR B 253 -6.73 -13.80 -15.81
CA THR B 253 -7.61 -14.98 -15.84
C THR B 253 -8.28 -15.21 -14.50
N GLY B 254 -9.45 -15.81 -14.53
CA GLY B 254 -10.06 -16.36 -13.34
C GLY B 254 -9.52 -17.74 -13.01
N TYR B 255 -8.52 -18.19 -13.77
CA TYR B 255 -7.91 -19.50 -13.58
C TYR B 255 -6.56 -19.38 -12.87
N LEU B 256 -6.09 -20.48 -12.29
CA LEU B 256 -4.95 -20.43 -11.36
C LEU B 256 -3.76 -19.55 -11.75
N GLN B 257 -3.42 -19.49 -13.03
CA GLN B 257 -2.29 -18.69 -13.50
C GLN B 257 -2.37 -17.27 -13.00
N GLY B 258 -3.59 -16.84 -12.67
CA GLY B 258 -3.86 -15.46 -12.30
C GLY B 258 -3.24 -15.07 -10.97
N ILE B 259 -3.36 -15.98 -10.01
CA ILE B 259 -2.69 -15.83 -8.73
C ILE B 259 -1.21 -15.48 -8.93
N ASN B 260 -0.55 -16.19 -9.84
CA ASN B 260 0.88 -16.00 -10.04
C ASN B 260 1.24 -14.67 -10.67
N GLU B 261 0.36 -14.12 -11.48
CA GLU B 261 0.59 -12.79 -12.03
C GLU B 261 0.62 -11.82 -10.85
N VAL B 262 -0.31 -12.00 -9.92
CA VAL B 262 -0.39 -11.14 -8.75
C VAL B 262 0.85 -11.25 -7.83
N LEU B 263 1.29 -12.47 -7.55
CA LEU B 263 2.45 -12.68 -6.67
C LEU B 263 3.70 -12.13 -7.32
N LYS B 264 3.76 -12.14 -8.66
CA LYS B 264 4.98 -11.75 -9.34
C LYS B 264 4.99 -10.28 -9.73
N ASN B 265 3.87 -9.60 -9.50
CA ASN B 265 3.75 -8.19 -9.85
C ASN B 265 4.29 -7.29 -8.75
N PRO B 266 5.38 -6.57 -9.04
CA PRO B 266 6.12 -5.81 -8.02
C PRO B 266 5.33 -4.61 -7.49
N LEU B 267 4.40 -4.08 -8.28
CA LEU B 267 3.55 -3.01 -7.79
C LEU B 267 2.48 -3.57 -6.80
N TYR B 268 2.61 -4.84 -6.43
CA TYR B 268 1.73 -5.44 -5.46
C TYR B 268 2.52 -5.90 -4.25
N ALA B 269 3.85 -5.78 -4.38
CA ALA B 269 4.76 -6.38 -3.42
C ALA B 269 4.53 -5.82 -2.03
N SER B 270 4.49 -4.50 -1.93
CA SER B 270 4.37 -3.84 -0.64
C SER B 270 3.01 -4.17 0.01
N LYS B 271 1.94 -4.08 -0.77
CA LYS B 271 0.62 -4.30 -0.20
C LYS B 271 0.47 -5.71 0.33
N LEU B 272 1.05 -6.68 -0.38
CA LEU B 272 1.07 -8.05 0.09
C LEU B 272 1.70 -8.13 1.48
N GLN B 273 2.77 -7.35 1.69
CA GLN B 273 3.48 -7.42 2.95
C GLN B 273 2.74 -6.66 4.03
N ASP B 274 2.01 -5.63 3.64
CA ASP B 274 1.27 -4.86 4.62
C ASP B 274 0.06 -5.66 5.07
N THR B 275 -0.34 -6.64 4.26
CA THR B 275 -1.45 -7.48 4.65
C THR B 275 -0.93 -8.50 5.64
N LYS B 276 0.16 -9.18 5.27
CA LYS B 276 0.78 -10.17 6.14
C LYS B 276 0.98 -9.62 7.54
N TYR B 277 1.37 -8.36 7.62
CA TYR B 277 1.61 -7.77 8.91
C TYR B 277 0.51 -6.79 9.34
N SER B 278 -0.71 -6.96 8.83
CA SER B 278 -1.77 -6.02 9.17
C SER B 278 -1.92 -5.84 10.68
N LYS B 279 -1.84 -6.91 11.44
CA LYS B 279 -2.05 -6.78 12.88
C LYS B 279 -0.92 -6.01 13.54
N GLU B 280 0.31 -6.41 13.20
CA GLU B 280 1.54 -5.81 13.71
C GLU B 280 1.68 -4.33 13.39
N ILE B 281 1.13 -3.90 12.26
CA ILE B 281 1.20 -2.49 11.92
C ILE B 281 0.25 -1.76 12.84
N VAL B 283 -0.74 -2.60 15.83
CA VAL B 283 -0.32 -2.61 17.23
C VAL B 283 0.86 -1.67 17.44
N ASP B 285 1.41 0.90 15.76
CA ASP B 285 0.88 2.24 15.62
C ASP B 285 0.22 2.67 16.91
N GLU B 286 -0.59 1.78 17.49
CA GLU B 286 -1.24 2.09 18.74
C GLU B 286 -0.15 2.28 19.83
N PHE B 287 0.89 1.45 19.78
CA PHE B 287 2.01 1.55 20.70
C PHE B 287 2.72 2.88 20.62
N LEU B 288 3.05 3.31 19.41
CA LEU B 288 3.71 4.58 19.19
C LEU B 288 2.77 5.78 19.46
N LEU B 289 1.48 5.58 19.22
CA LEU B 289 0.49 6.62 19.50
C LEU B 289 0.42 6.91 21.00
N HIS B 290 0.50 5.89 21.84
CA HIS B 290 0.44 6.10 23.27
C HIS B 290 1.74 6.72 23.72
N LEU B 291 2.82 6.15 23.21
CA LEU B 291 4.15 6.64 23.50
C LEU B 291 4.23 8.12 23.24
N ASN B 292 3.73 8.53 22.08
CA ASN B 292 3.95 9.89 21.61
C ASN B 292 3.02 10.94 22.21
N LYS B 293 2.01 10.52 22.96
CA LYS B 293 1.21 11.52 23.68
C LYS B 293 1.41 11.38 25.18
N ASP B 294 2.50 10.70 25.53
CA ASP B 294 2.90 10.46 26.92
C ASP B 294 1.74 10.03 27.82
N ASP B 295 1.05 8.99 27.37
CA ASP B 295 -0.08 8.37 28.04
C ASP B 295 0.18 7.75 29.41
N ASP B 296 1.40 7.23 29.58
CA ASP B 296 1.67 6.21 30.57
C ASP B 296 1.01 4.89 30.19
N LYS B 297 0.60 4.74 28.93
CA LYS B 297 -0.02 3.49 28.48
C LYS B 297 0.87 2.70 27.51
N ALA B 298 2.08 3.16 27.31
CA ALA B 298 3.05 2.43 26.47
C ALA B 298 4.43 2.50 27.08
N TRP B 299 5.10 1.36 27.17
CA TRP B 299 6.40 1.28 27.81
C TRP B 299 7.30 0.30 27.09
N TYR B 300 8.60 0.57 27.05
CA TYR B 300 9.51 -0.44 26.54
C TYR B 300 10.62 -0.63 27.54
N GLY B 301 11.19 -1.84 27.56
CA GLY B 301 12.25 -2.17 28.49
C GLY B 301 11.75 -3.21 29.46
N GLU B 302 12.62 -4.14 29.81
CA GLU B 302 12.26 -5.27 30.64
C GLU B 302 11.69 -4.84 32.00
N LYS B 303 12.37 -3.92 32.67
CA LYS B 303 11.93 -3.54 34.00
C LYS B 303 10.50 -3.05 33.96
N GLU B 304 10.25 -2.09 33.10
CA GLU B 304 8.92 -1.47 32.98
C GLU B 304 7.85 -2.51 32.66
N VAL B 305 8.13 -3.35 31.69
CA VAL B 305 7.17 -4.33 31.24
C VAL B 305 6.92 -5.40 32.29
N VAL B 306 7.92 -5.72 33.10
CA VAL B 306 7.76 -6.72 34.16
C VAL B 306 6.87 -6.11 35.26
N LYS B 307 7.19 -4.88 35.66
CA LYS B 307 6.29 -4.13 36.54
C LYS B 307 4.85 -4.11 36.04
N ALA B 308 4.65 -3.74 34.77
CA ALA B 308 3.31 -3.63 34.22
C ALA B 308 2.54 -4.93 34.37
N ALA B 309 3.21 -6.04 34.13
CA ALA B 309 2.56 -7.35 34.16
C ALA B 309 2.03 -7.67 35.56
N GLU B 310 2.74 -7.21 36.58
CA GLU B 310 2.35 -7.35 37.98
C GLU B 310 0.91 -6.90 38.25
N TYR B 311 0.42 -5.95 37.44
CA TYR B 311 -0.85 -5.29 37.65
C TYR B 311 -1.95 -5.95 36.85
N GLY B 312 -1.58 -6.79 35.90
CA GLY B 312 -2.53 -7.32 34.93
C GLY B 312 -2.91 -6.28 33.88
N ALA B 313 -2.05 -5.29 33.70
CA ALA B 313 -2.38 -4.07 32.99
C ALA B 313 -2.13 -4.17 31.49
N ILE B 314 -1.46 -5.23 31.07
CA ILE B 314 -0.95 -5.26 29.71
C ILE B 314 -2.01 -5.74 28.71
N SER B 315 -2.26 -4.91 27.70
CA SER B 315 -3.17 -5.27 26.61
C SER B 315 -2.43 -5.96 25.49
N TYR B 316 -1.27 -5.43 25.12
CA TYR B 316 -0.41 -6.06 24.11
C TYR B 316 1.02 -6.12 24.56
N LEU B 317 1.56 -7.32 24.63
CA LEU B 317 2.97 -7.56 24.92
C LEU B 317 3.68 -7.66 23.59
N LEU B 318 4.70 -6.84 23.36
CA LEU B 318 5.46 -6.93 22.13
C LEU B 318 6.87 -7.47 22.37
N LEU B 319 7.22 -8.53 21.65
CA LEU B 319 8.54 -9.12 21.76
C LEU B 319 9.15 -9.25 20.38
N THR B 320 10.48 -9.29 20.31
CA THR B 320 11.14 -9.67 19.08
C THR B 320 11.49 -11.13 19.21
N ASP B 321 11.53 -11.84 18.09
CA ASP B 321 11.93 -13.23 18.09
C ASP B 321 13.32 -13.35 18.65
N LYS B 322 14.16 -12.34 18.40
CA LYS B 322 15.54 -12.37 18.87
C LYS B 322 15.61 -12.49 20.39
N VAL B 323 14.80 -11.70 21.08
CA VAL B 323 14.81 -11.65 22.52
C VAL B 323 14.15 -12.87 23.17
N LEU B 324 13.47 -13.70 22.39
CA LEU B 324 12.83 -14.90 22.91
C LEU B 324 13.75 -16.09 22.72
N HIS B 325 14.92 -15.82 22.18
CA HIS B 325 15.87 -16.87 21.89
C HIS B 325 17.30 -16.38 22.14
N SER B 326 17.51 -15.81 23.30
CA SER B 326 18.79 -15.19 23.62
C SER B 326 19.69 -16.16 24.41
N ASP B 327 20.97 -15.84 24.47
CA ASP B 327 21.89 -16.61 25.27
C ASP B 327 21.40 -16.69 26.71
N ASN B 328 20.71 -15.64 27.13
CA ASN B 328 20.30 -15.48 28.52
C ASN B 328 18.99 -16.19 28.87
N ILE B 329 19.11 -17.41 29.41
CA ILE B 329 17.97 -18.32 29.65
C ILE B 329 17.07 -17.93 30.83
N ALA B 330 17.63 -17.30 31.84
CA ALA B 330 16.81 -16.73 32.89
C ALA B 330 15.82 -15.74 32.25
N GLN B 331 16.36 -14.86 31.42
CA GLN B 331 15.58 -13.83 30.78
C GLN B 331 14.54 -14.41 29.82
N ARG B 332 14.89 -15.42 29.05
CA ARG B 332 13.88 -15.98 28.16
C ARG B 332 12.75 -16.67 28.94
N GLU B 333 13.07 -17.19 30.12
CA GLU B 333 12.00 -17.79 30.95
C GLU B 333 11.06 -16.73 31.54
N GLU B 334 11.61 -15.60 31.94
CA GLU B 334 10.82 -14.47 32.36
C GLU B 334 9.93 -14.05 31.18
N TYR B 335 10.52 -13.91 29.98
CA TYR B 335 9.77 -13.48 28.78
C TYR B 335 8.69 -14.45 28.35
N LEU B 336 8.94 -15.75 28.42
CA LEU B 336 7.90 -16.75 28.17
C LEU B 336 6.76 -16.71 29.19
N LYS B 337 7.10 -16.59 30.48
CA LYS B 337 6.06 -16.48 31.51
C LYS B 337 5.21 -15.24 31.30
N LEU B 338 5.90 -14.16 30.95
CA LEU B 338 5.26 -12.88 30.69
C LEU B 338 4.17 -13.09 29.61
N ASP B 340 2.59 -15.83 28.94
CA ASP B 340 1.53 -16.61 29.57
C ASP B 340 0.67 -15.78 30.47
N SER B 341 1.32 -14.96 31.26
CA SER B 341 0.66 -14.03 32.16
C SER B 341 -0.26 -13.10 31.41
N VAL B 342 0.28 -12.48 30.37
CA VAL B 342 -0.45 -11.46 29.65
C VAL B 342 -1.67 -12.07 28.97
N GLU B 343 -1.49 -13.22 28.33
CA GLU B 343 -2.62 -13.83 27.63
C GLU B 343 -3.70 -14.25 28.64
N SER B 344 -3.29 -14.73 29.82
CA SER B 344 -4.28 -15.23 30.77
C SER B 344 -4.99 -14.11 31.52
N ASN B 345 -4.38 -12.93 31.60
CA ASN B 345 -5.07 -11.76 32.15
C ASN B 345 -5.84 -10.95 31.10
N GLY B 346 -6.03 -11.53 29.92
CA GLY B 346 -6.87 -10.90 28.90
C GLY B 346 -6.11 -9.97 27.99
N GLY B 347 -4.83 -10.22 27.78
CA GLY B 347 -4.05 -9.44 26.83
C GLY B 347 -3.61 -10.29 25.66
N LYS B 348 -2.92 -9.71 24.69
CA LYS B 348 -2.28 -10.50 23.64
C LYS B 348 -0.77 -10.32 23.61
N ALA B 349 -0.07 -11.39 23.27
CA ALA B 349 1.37 -11.29 23.03
C ALA B 349 1.63 -11.42 21.54
N LEU B 350 2.45 -10.56 20.97
CA LEU B 350 2.87 -10.87 19.63
C LEU B 350 4.34 -10.71 19.41
N VAL B 351 4.85 -11.52 18.50
CA VAL B 351 6.28 -11.65 18.32
C VAL B 351 6.60 -11.10 16.94
N LEU B 352 7.40 -10.03 16.91
CA LEU B 352 7.78 -9.40 15.66
C LEU B 352 9.12 -9.95 15.18
N SER B 353 9.26 -10.25 13.90
CA SER B 353 10.58 -10.72 13.46
C SER B 353 11.51 -9.54 13.25
N THR B 354 12.81 -9.75 13.51
CA THR B 354 13.76 -8.69 13.28
C THR B 354 14.31 -8.76 11.85
N LEU B 355 13.76 -9.67 11.05
CA LEU B 355 13.98 -9.65 9.61
C LEU B 355 13.21 -8.52 8.92
N HIS B 356 12.36 -7.80 9.64
CA HIS B 356 11.56 -6.75 9.02
C HIS B 356 11.52 -5.47 9.83
N SER B 357 10.94 -4.42 9.25
CA SER B 357 11.12 -3.07 9.80
C SER B 357 10.52 -2.88 11.19
N LEU B 358 9.39 -3.52 11.46
CA LEU B 358 8.76 -3.48 12.79
C LEU B 358 9.58 -4.19 13.87
N GLY B 359 10.10 -5.38 13.55
CA GLY B 359 10.95 -6.13 14.48
C GLY B 359 12.18 -5.33 14.79
N GLU B 360 12.81 -4.81 13.74
CA GLU B 360 13.92 -3.85 13.84
C GLU B 360 13.55 -2.70 14.75
N GLU B 361 12.42 -2.06 14.50
CA GLU B 361 11.88 -1.04 15.40
C GLU B 361 11.85 -1.49 16.85
N LEU B 362 11.15 -2.60 17.12
CA LEU B 362 11.05 -3.09 18.49
C LEU B 362 12.44 -3.35 19.05
N ASP B 363 13.33 -3.89 18.21
CA ASP B 363 14.68 -4.20 18.65
C ASP B 363 15.44 -2.98 19.17
N GLN B 364 15.25 -1.83 18.53
CA GLN B 364 15.89 -0.60 19.01
C GLN B 364 15.32 -0.06 20.33
N LEU B 365 14.23 -0.66 20.77
CA LEU B 365 13.55 -0.26 21.99
C LEU B 365 13.73 -1.39 23.01
N THR B 366 14.84 -2.10 22.87
CA THR B 366 15.26 -3.19 23.77
C THR B 366 14.62 -4.56 23.51
N GLY B 367 13.77 -4.67 22.49
CA GLY B 367 13.14 -5.94 22.16
C GLY B 367 11.87 -6.31 22.94
N ILE B 368 11.55 -5.52 23.96
CA ILE B 368 10.38 -5.80 24.79
C ILE B 368 9.62 -4.53 25.07
N ALA B 369 8.33 -4.55 24.78
CA ALA B 369 7.50 -3.39 25.03
C ALA B 369 6.08 -3.82 25.25
N CYS B 370 5.25 -2.89 25.70
CA CYS B 370 3.87 -3.22 25.99
C CYS B 370 2.94 -2.01 25.81
N ILE B 371 1.68 -2.31 25.49
CA ILE B 371 0.61 -1.33 25.60
C ILE B 371 -0.24 -1.66 26.85
N LEU B 372 -0.74 -0.63 27.52
CA LEU B 372 -1.49 -0.85 28.75
C LEU B 372 -2.99 -0.58 28.62
N LYS B 373 -3.80 -1.34 29.34
CA LYS B 373 -5.24 -1.11 29.44
C LYS B 373 -5.53 0.24 30.11
N TYR B 374 -4.57 0.72 30.89
CA TYR B 374 -4.79 1.92 31.69
C TYR B 374 -3.45 2.52 32.12
N PRO B 375 -3.41 3.83 32.35
CA PRO B 375 -2.09 4.40 32.57
C PRO B 375 -1.41 3.86 33.83
N LEU B 376 -0.16 3.46 33.70
CA LEU B 376 0.64 3.15 34.89
C LEU B 376 1.82 4.09 34.87
N PRO B 377 1.75 5.15 35.67
CA PRO B 377 2.83 6.16 35.66
C PRO B 377 4.12 5.64 36.30
N ASP B 378 5.21 6.34 35.98
CA ASP B 378 6.52 6.12 36.59
C ASP B 378 6.98 4.67 36.64
N LEU B 379 6.55 3.86 35.68
CA LEU B 379 7.09 2.50 35.59
C LEU B 379 8.61 2.56 35.50
N ASP B 380 9.14 3.65 34.93
CA ASP B 380 10.60 3.79 34.78
C ASP B 380 11.31 4.30 36.05
N GLU B 381 10.69 4.10 37.20
CA GLU B 381 11.29 4.45 38.48
C GLU B 381 12.24 3.37 38.99
#